data_1Q47
#
_entry.id   1Q47
#
_cell.length_a   218.791
_cell.length_b   59.733
_cell.length_c   122.715
_cell.angle_alpha   90
_cell.angle_beta   109.007
_cell.angle_gamma   90
#
_symmetry.space_group_name_H-M   'C 1 2 1'
#
loop_
_entity.id
_entity.type
_entity.pdbx_description
1 polymer 'Semaphorin 3A'
2 non-polymer 2-acetamido-2-deoxy-beta-D-glucopyranose
#
_entity_poly.entity_id   1
_entity_poly.type   'polypeptide(L)'
_entity_poly.pdbx_seq_one_letter_code
;KNNVPRLKLSYKEMLESNNVITFNGLANSSSYHTFLLDEERSRLYVGAKDHIFSFNLVNIKDFQKIVWPVSYTRRDECKW
AGKDILKECANFIKVLEAYNQTHLYACGTGAFHPICTYIEVGHHPEDNIFKLQDSHFENGRGKSPYDPKLLTASLLIDGE
LYSGTAADFMGRDFAIFRTLGHHHPIRTEQHDSRWLNDPRFISAHLIPESDNPEDDKVYFFFRENAIDGEHSGKATHARI
GQICKNDFGGHRSLVNKWTTFLKARLICSVPGPNGIDTHFDELQDVFLMNSKDPKNPIVYGVFTTSSNIFKGSAVCMYSM
SDVRRVFLGPYAHRDGPNYQWVPYQGRVPYPRPGTCPSKTFGGFDSTKDLPDDVITFARSHPAMYNPVFPINNRPIMIKT
DVNYQFTQIVVDRVDAEDGQYDVMFIGTDVGTVLKVVSVPKETWHDLEEVLLEEMTVFREPTTISAMELSTKQQQLYIGS
TAGVAQLPLHRCDIY
;
_entity_poly.pdbx_strand_id   A,B
#
# COMPACT_ATOMS: atom_id res chain seq x y z
N LYS A 1 -16.27 -14.85 14.50
CA LYS A 1 -17.08 -13.58 14.50
C LYS A 1 -16.78 -12.71 15.72
N ASN A 2 -15.50 -12.58 16.07
CA ASN A 2 -15.09 -11.78 17.23
C ASN A 2 -13.61 -11.37 17.14
N ASN A 3 -13.15 -10.55 18.09
CA ASN A 3 -11.76 -10.09 18.14
C ASN A 3 -11.23 -10.05 19.58
N VAL A 4 -12.10 -10.40 20.53
CA VAL A 4 -11.72 -10.42 21.95
C VAL A 4 -11.42 -11.83 22.44
N PRO A 5 -10.28 -12.00 23.12
CA PRO A 5 -9.87 -13.31 23.65
C PRO A 5 -10.75 -13.81 24.80
N ARG A 6 -11.08 -15.10 24.79
CA ARG A 6 -11.90 -15.67 25.86
C ARG A 6 -11.08 -15.69 27.15
N LEU A 7 -9.77 -15.85 26.99
CA LEU A 7 -8.85 -15.89 28.12
C LEU A 7 -7.70 -14.91 27.89
N LYS A 8 -7.77 -13.76 28.55
CA LYS A 8 -6.71 -12.77 28.43
C LYS A 8 -5.93 -12.68 29.75
N LEU A 9 -5.02 -13.64 29.95
CA LEU A 9 -4.20 -13.67 31.17
C LEU A 9 -2.88 -12.95 30.90
N SER A 10 -2.35 -12.26 31.91
CA SER A 10 -1.08 -11.53 31.79
C SER A 10 0.05 -12.45 32.24
N TYR A 11 1.30 -11.96 32.22
CA TYR A 11 2.42 -12.79 32.65
C TYR A 11 2.22 -13.18 34.12
N LYS A 12 1.88 -12.17 34.92
CA LYS A 12 1.62 -12.34 36.36
C LYS A 12 0.57 -13.41 36.58
N GLU A 13 -0.49 -13.36 35.78
CA GLU A 13 -1.56 -14.33 35.88
C GLU A 13 -1.12 -15.69 35.36
N MET A 14 -0.14 -15.71 34.44
CA MET A 14 0.32 -17.00 33.88
C MET A 14 1.27 -17.69 34.85
N LEU A 15 2.12 -16.89 35.51
CA LEU A 15 3.10 -17.40 36.48
C LEU A 15 2.41 -17.90 37.76
N GLU A 16 1.35 -17.20 38.16
CA GLU A 16 0.57 -17.57 39.34
C GLU A 16 -0.49 -18.61 38.99
N SER A 17 -0.06 -19.64 38.26
CA SER A 17 -0.96 -20.74 37.89
C SER A 17 -0.19 -21.87 37.24
N ASN A 18 1.13 -21.81 37.35
CA ASN A 18 2.03 -22.82 36.78
C ASN A 18 1.81 -22.93 35.26
N ASN A 19 1.33 -21.83 34.67
CA ASN A 19 1.09 -21.80 33.24
C ASN A 19 2.35 -21.44 32.44
N VAL A 20 3.41 -21.00 33.11
CA VAL A 20 4.67 -20.66 32.42
C VAL A 20 5.91 -20.86 33.26
N ILE A 21 6.91 -21.48 32.66
CA ILE A 21 8.18 -21.70 33.33
C ILE A 21 9.17 -20.76 32.62
N THR A 22 9.82 -19.91 33.41
CA THR A 22 10.73 -18.89 32.87
C THR A 22 12.23 -19.07 33.04
N PHE A 23 12.96 -18.79 31.97
CA PHE A 23 14.40 -18.86 32.01
C PHE A 23 14.87 -17.46 31.63
N ASN A 24 15.09 -16.60 32.62
CA ASN A 24 15.53 -15.22 32.38
C ASN A 24 16.84 -15.09 31.59
N GLY A 25 17.41 -16.22 31.17
CA GLY A 25 18.65 -16.19 30.41
C GLY A 25 19.87 -15.74 31.21
N LEU A 26 21.05 -15.97 30.65
CA LEU A 26 22.30 -15.59 31.31
C LEU A 26 22.61 -14.12 31.13
N ALA A 27 23.42 -13.58 32.02
CA ALA A 27 23.80 -12.18 31.99
C ALA A 27 24.81 -11.95 30.86
N ASN A 28 25.65 -12.95 30.60
CA ASN A 28 26.66 -12.84 29.55
C ASN A 28 26.18 -13.37 28.21
N SER A 29 24.87 -13.52 28.07
CA SER A 29 24.29 -14.03 26.83
C SER A 29 23.00 -13.30 26.46
N SER A 30 22.37 -13.75 25.35
CA SER A 30 21.12 -13.17 24.85
C SER A 30 20.71 -13.85 23.55
N SER A 31 19.88 -13.17 22.76
CA SER A 31 19.44 -13.67 21.47
C SER A 31 19.14 -15.17 21.41
N TYR A 32 18.31 -15.69 22.32
CA TYR A 32 17.97 -17.13 22.33
C TYR A 32 16.98 -17.40 21.19
N HIS A 33 17.50 -17.38 19.95
CA HIS A 33 16.65 -17.57 18.78
C HIS A 33 16.78 -18.88 18.03
N THR A 34 17.93 -19.53 18.09
CA THR A 34 18.06 -20.76 17.33
C THR A 34 17.55 -21.99 18.06
N PHE A 35 16.27 -22.34 17.87
CA PHE A 35 15.73 -23.53 18.53
C PHE A 35 15.93 -24.81 17.73
N LEU A 36 16.03 -25.93 18.45
CA LEU A 36 16.19 -27.27 17.86
C LEU A 36 15.55 -28.29 18.83
N LEU A 37 14.26 -28.63 18.61
CA LEU A 37 13.48 -29.56 19.44
C LEU A 37 13.74 -31.03 19.18
N ASP A 38 14.27 -31.72 20.19
CA ASP A 38 14.57 -33.15 20.08
C ASP A 38 13.64 -34.01 20.96
N GLU A 39 12.58 -34.53 20.37
CA GLU A 39 11.64 -35.36 21.10
C GLU A 39 12.37 -36.56 21.71
N GLU A 40 12.95 -37.41 20.87
CA GLU A 40 13.65 -38.60 21.36
C GLU A 40 14.53 -38.37 22.59
N ARG A 41 15.39 -37.37 22.52
CA ARG A 41 16.28 -37.05 23.64
C ARG A 41 15.52 -36.26 24.71
N SER A 42 14.25 -36.02 24.44
CA SER A 42 13.38 -35.27 25.34
C SER A 42 14.00 -33.93 25.84
N ARG A 43 14.80 -33.29 25.00
CA ARG A 43 15.40 -32.01 25.37
C ARG A 43 15.14 -30.97 24.27
N LEU A 44 15.40 -29.71 24.58
CA LEU A 44 15.19 -28.62 23.64
C LEU A 44 16.48 -27.84 23.52
N TYR A 45 17.17 -27.97 22.39
CA TYR A 45 18.44 -27.24 22.24
C TYR A 45 18.19 -25.81 21.80
N VAL A 46 19.15 -24.95 22.05
CA VAL A 46 18.99 -23.54 21.72
C VAL A 46 20.32 -22.89 21.45
N GLY A 47 20.37 -22.05 20.42
CA GLY A 47 21.61 -21.36 20.11
C GLY A 47 21.48 -19.93 20.56
N ALA A 48 22.55 -19.37 21.12
CA ALA A 48 22.50 -18.00 21.60
C ALA A 48 23.86 -17.30 21.58
N LYS A 49 23.91 -16.13 22.18
CA LYS A 49 25.14 -15.36 22.24
C LYS A 49 26.19 -16.17 23.01
N ASP A 50 27.33 -16.43 22.37
CA ASP A 50 28.44 -17.19 22.95
C ASP A 50 28.01 -18.42 23.72
N HIS A 51 26.80 -18.90 23.49
CA HIS A 51 26.32 -20.08 24.23
C HIS A 51 25.37 -20.98 23.45
N ILE A 52 25.29 -22.24 23.87
CA ILE A 52 24.38 -23.21 23.28
C ILE A 52 23.80 -24.00 24.45
N PHE A 53 22.52 -23.77 24.75
CA PHE A 53 21.85 -24.45 25.85
C PHE A 53 21.19 -25.77 25.49
N SER A 54 20.70 -26.46 26.51
CA SER A 54 19.98 -27.73 26.36
C SER A 54 18.93 -27.78 27.48
N PHE A 55 17.68 -27.41 27.15
CA PHE A 55 16.62 -27.40 28.14
C PHE A 55 15.79 -28.68 28.20
N ASN A 56 15.32 -29.01 29.40
CA ASN A 56 14.51 -30.21 29.61
C ASN A 56 13.08 -29.89 29.19
N LEU A 57 12.51 -30.72 28.32
CA LEU A 57 11.15 -30.49 27.83
C LEU A 57 10.09 -30.61 28.91
N VAL A 58 10.48 -31.02 30.11
CA VAL A 58 9.50 -31.14 31.18
C VAL A 58 9.58 -29.89 32.02
N ASN A 59 10.79 -29.37 32.18
CA ASN A 59 11.01 -28.17 32.96
C ASN A 59 12.25 -27.44 32.47
N ILE A 60 12.05 -26.37 31.71
CA ILE A 60 13.19 -25.62 31.19
C ILE A 60 14.01 -24.99 32.32
N LYS A 61 13.67 -25.31 33.56
CA LYS A 61 14.45 -24.78 34.69
C LYS A 61 15.70 -25.66 34.83
N ASP A 62 15.61 -26.88 34.31
CA ASP A 62 16.69 -27.86 34.34
C ASP A 62 17.36 -27.86 32.96
N PHE A 63 18.63 -27.45 32.92
CA PHE A 63 19.32 -27.35 31.64
C PHE A 63 20.85 -27.39 31.71
N GLN A 64 21.46 -27.77 30.59
CA GLN A 64 22.90 -27.81 30.46
C GLN A 64 23.28 -26.73 29.44
N LYS A 65 24.49 -26.20 29.55
CA LYS A 65 24.94 -25.18 28.61
C LYS A 65 26.34 -25.48 28.10
N ILE A 66 26.74 -24.72 27.08
CA ILE A 66 28.06 -24.86 26.48
C ILE A 66 28.55 -23.46 26.22
N VAL A 67 29.81 -23.20 26.58
CA VAL A 67 30.37 -21.88 26.38
C VAL A 67 31.22 -21.86 25.13
N TRP A 68 30.77 -21.11 24.13
CA TRP A 68 31.49 -20.98 22.85
C TRP A 68 31.47 -19.47 22.55
N PRO A 69 32.49 -18.73 23.03
CA PRO A 69 32.52 -17.29 22.80
C PRO A 69 33.51 -16.65 21.83
N VAL A 70 34.33 -17.43 21.12
CA VAL A 70 35.31 -16.83 20.19
C VAL A 70 36.54 -16.37 20.97
N SER A 71 37.73 -16.63 20.42
CA SER A 71 39.01 -16.27 21.03
C SER A 71 39.29 -14.78 21.04
N TYR A 72 40.31 -14.39 21.81
CA TYR A 72 40.72 -12.98 21.94
C TYR A 72 41.15 -12.37 20.61
N THR A 73 42.05 -13.07 19.92
CA THR A 73 42.53 -12.59 18.63
C THR A 73 41.34 -12.22 17.74
N ARG A 74 40.40 -13.14 17.60
CA ARG A 74 39.23 -12.88 16.78
C ARG A 74 38.42 -11.71 17.32
N ARG A 75 38.18 -11.72 18.63
CA ARG A 75 37.42 -10.64 19.23
C ARG A 75 38.11 -9.30 18.93
N ASP A 76 39.41 -9.33 18.68
CA ASP A 76 40.15 -8.11 18.38
C ASP A 76 40.13 -7.72 16.91
N GLU A 77 40.21 -8.69 16.03
CA GLU A 77 40.17 -8.40 14.59
C GLU A 77 38.78 -7.88 14.20
N CYS A 78 37.81 -8.16 15.04
CA CYS A 78 36.44 -7.72 14.81
C CYS A 78 36.31 -6.27 15.28
N LYS A 79 37.03 -5.95 16.35
CA LYS A 79 37.01 -4.59 16.92
C LYS A 79 37.69 -3.62 15.96
N TRP A 80 38.83 -4.01 15.42
CA TRP A 80 39.53 -3.13 14.49
C TRP A 80 38.76 -2.98 13.19
N ALA A 81 37.91 -3.96 12.90
CA ALA A 81 37.08 -3.93 11.69
C ALA A 81 36.01 -2.84 11.87
N GLY A 82 35.99 -2.22 13.04
CA GLY A 82 35.03 -1.16 13.30
C GLY A 82 33.61 -1.62 13.65
N LYS A 83 33.49 -2.76 14.33
CA LYS A 83 32.18 -3.28 14.73
C LYS A 83 31.91 -2.98 16.20
N ASP A 84 30.66 -3.19 16.62
CA ASP A 84 30.22 -2.96 18.00
C ASP A 84 30.58 -4.15 18.87
N ILE A 85 31.64 -3.99 19.66
CA ILE A 85 32.13 -5.04 20.54
C ILE A 85 31.06 -5.73 21.36
N LEU A 86 30.08 -4.97 21.80
CA LEU A 86 29.04 -5.53 22.65
C LEU A 86 27.98 -6.34 21.92
N LYS A 87 27.47 -5.77 20.82
CA LYS A 87 26.40 -6.41 20.07
C LYS A 87 26.79 -7.01 18.71
N GLU A 88 28.08 -7.11 18.44
CA GLU A 88 28.52 -7.66 17.16
C GLU A 88 29.72 -8.59 17.24
N CYS A 89 30.72 -8.17 18.00
CA CYS A 89 31.92 -8.97 18.12
C CYS A 89 31.81 -10.13 19.13
N ALA A 90 30.80 -10.99 18.88
CA ALA A 90 30.51 -12.17 19.71
C ALA A 90 30.05 -13.31 18.78
N ASN A 91 30.00 -14.52 19.31
CA ASN A 91 29.58 -15.67 18.52
C ASN A 91 28.11 -16.03 18.75
N PHE A 92 27.22 -15.46 17.93
CA PHE A 92 25.78 -15.72 18.02
C PHE A 92 25.46 -16.93 17.16
N ILE A 93 25.09 -18.05 17.78
CA ILE A 93 24.78 -19.25 17.00
C ILE A 93 23.52 -19.09 16.15
N LYS A 94 23.61 -19.41 14.86
CA LYS A 94 22.46 -19.28 13.97
C LYS A 94 22.02 -20.61 13.39
N VAL A 95 22.76 -21.69 13.63
CA VAL A 95 22.36 -22.97 13.09
C VAL A 95 22.58 -24.13 14.08
N LEU A 96 21.48 -24.80 14.44
CA LEU A 96 21.52 -25.98 15.31
C LEU A 96 20.69 -27.04 14.63
N GLU A 97 21.34 -28.11 14.21
CA GLU A 97 20.63 -29.16 13.53
C GLU A 97 21.27 -30.49 13.82
N ALA A 98 20.46 -31.54 13.85
CA ALA A 98 20.96 -32.87 14.09
C ALA A 98 21.80 -33.29 12.85
N TYR A 99 22.91 -33.97 13.11
CA TYR A 99 23.83 -34.46 12.07
C TYR A 99 23.94 -35.97 12.08
N ASN A 100 24.74 -36.53 13.00
CA ASN A 100 24.93 -37.98 13.12
C ASN A 100 23.83 -38.46 14.06
N GLN A 101 23.87 -39.72 14.44
CA GLN A 101 22.90 -40.24 15.38
C GLN A 101 23.47 -39.84 16.73
N THR A 102 24.73 -39.42 16.71
CA THR A 102 25.39 -39.03 17.95
C THR A 102 25.80 -37.54 18.05
N HIS A 103 25.72 -36.77 16.96
CA HIS A 103 26.12 -35.35 17.00
C HIS A 103 25.16 -34.33 16.40
N LEU A 104 25.30 -33.09 16.86
CA LEU A 104 24.51 -31.96 16.36
C LEU A 104 25.49 -31.06 15.59
N TYR A 105 25.00 -30.30 14.62
CA TYR A 105 25.87 -29.41 13.87
C TYR A 105 25.49 -28.00 14.27
N ALA A 106 26.50 -27.19 14.52
CA ALA A 106 26.25 -25.83 14.94
C ALA A 106 27.19 -24.84 14.28
N CYS A 107 26.65 -23.65 14.04
CA CYS A 107 27.38 -22.55 13.43
C CYS A 107 26.83 -21.23 14.02
N GLY A 108 27.72 -20.27 14.20
CA GLY A 108 27.34 -18.98 14.73
C GLY A 108 28.18 -17.88 14.11
N THR A 109 27.84 -16.64 14.45
CA THR A 109 28.55 -15.46 13.97
C THR A 109 29.93 -15.45 14.62
N GLY A 110 30.97 -15.90 13.92
CA GLY A 110 32.28 -15.92 14.55
C GLY A 110 32.85 -14.53 14.85
N ALA A 111 32.03 -13.63 15.38
CA ALA A 111 32.45 -12.26 15.66
C ALA A 111 32.84 -11.71 14.29
N PHE A 112 31.92 -11.91 13.35
CA PHE A 112 32.08 -11.52 11.94
C PHE A 112 33.12 -12.35 11.23
N HIS A 113 33.11 -13.64 11.54
CA HIS A 113 34.01 -14.62 10.94
C HIS A 113 33.40 -15.96 11.35
N PRO A 114 32.21 -16.23 10.84
CA PRO A 114 31.47 -17.47 11.12
C PRO A 114 32.30 -18.75 11.15
N ILE A 115 32.05 -19.58 12.16
CA ILE A 115 32.72 -20.88 12.30
C ILE A 115 31.69 -21.92 12.74
N CYS A 116 31.98 -23.19 12.46
CA CYS A 116 31.07 -24.28 12.79
C CYS A 116 31.81 -25.41 13.46
N THR A 117 31.08 -26.17 14.27
CA THR A 117 31.65 -27.31 14.96
C THR A 117 30.56 -28.29 15.28
N TYR A 118 30.95 -29.49 15.72
CA TYR A 118 29.95 -30.48 16.08
C TYR A 118 29.67 -30.43 17.59
N ILE A 119 28.60 -31.09 18.00
CA ILE A 119 28.23 -31.14 19.41
C ILE A 119 27.77 -32.54 19.67
N GLU A 120 28.55 -33.26 20.47
CA GLU A 120 28.27 -34.65 20.82
C GLU A 120 27.09 -34.70 21.78
N VAL A 121 26.26 -35.72 21.59
CA VAL A 121 25.08 -35.93 22.40
C VAL A 121 24.79 -37.45 22.45
N GLY A 122 25.79 -38.26 22.11
CA GLY A 122 25.65 -39.70 22.13
C GLY A 122 24.41 -40.37 21.56
N HIS A 123 24.38 -41.71 21.65
CA HIS A 123 23.29 -42.58 21.17
C HIS A 123 22.11 -42.69 22.14
N HIS A 124 22.42 -42.62 23.43
CA HIS A 124 21.40 -42.74 24.45
C HIS A 124 20.99 -41.42 25.09
N PRO A 125 19.72 -41.04 24.92
CA PRO A 125 19.20 -39.79 25.48
C PRO A 125 19.13 -39.93 27.00
N GLU A 126 19.67 -41.05 27.47
CA GLU A 126 19.70 -41.40 28.89
C GLU A 126 20.93 -40.76 29.57
N ASP A 127 22.02 -40.70 28.83
CA ASP A 127 23.27 -40.15 29.34
C ASP A 127 23.34 -38.63 29.20
N ASN A 128 22.37 -38.05 28.49
CA ASN A 128 22.33 -36.61 28.25
C ASN A 128 23.71 -35.94 28.11
N ILE A 129 24.39 -36.24 27.01
CA ILE A 129 25.72 -35.66 26.73
C ILE A 129 25.56 -34.33 26.02
N PHE A 130 26.54 -33.43 26.21
CA PHE A 130 26.52 -32.12 25.59
C PHE A 130 27.93 -31.57 25.53
N LYS A 131 28.82 -32.37 24.98
CA LYS A 131 30.23 -32.00 24.87
C LYS A 131 30.47 -31.22 23.58
N LEU A 132 31.05 -30.04 23.74
CA LEU A 132 31.33 -29.19 22.59
C LEU A 132 32.64 -29.62 21.96
N GLN A 133 32.55 -30.41 20.90
CA GLN A 133 33.74 -30.90 20.18
C GLN A 133 34.53 -29.70 19.65
N ASP A 134 35.41 -29.15 20.49
CA ASP A 134 36.24 -27.99 20.14
C ASP A 134 37.30 -28.29 19.07
N SER A 135 38.48 -27.70 19.20
CA SER A 135 39.57 -27.90 18.25
C SER A 135 39.15 -27.60 16.81
N HIS A 136 39.84 -28.20 15.85
CA HIS A 136 39.56 -28.04 14.42
C HIS A 136 38.76 -26.78 14.06
N PHE A 137 37.44 -26.92 14.00
CA PHE A 137 36.52 -25.83 13.65
C PHE A 137 36.49 -25.54 12.16
N GLU A 138 35.34 -25.77 11.54
CA GLU A 138 35.18 -25.51 10.11
C GLU A 138 34.64 -24.10 9.99
N ASN A 139 34.77 -23.49 8.81
CA ASN A 139 34.24 -22.13 8.65
C ASN A 139 32.77 -22.22 8.27
N GLY A 140 32.06 -21.12 8.47
CA GLY A 140 30.64 -21.11 8.15
C GLY A 140 30.23 -20.17 7.03
N ARG A 141 31.03 -20.13 5.97
CA ARG A 141 30.73 -19.27 4.85
C ARG A 141 29.57 -19.88 4.10
N GLY A 142 28.47 -19.12 4.01
CA GLY A 142 27.31 -19.63 3.32
C GLY A 142 26.45 -20.46 4.23
N LYS A 143 26.93 -20.76 5.44
CA LYS A 143 26.13 -21.55 6.41
C LYS A 143 25.52 -20.64 7.46
N SER A 144 26.29 -19.63 7.88
CA SER A 144 25.84 -18.66 8.87
C SER A 144 26.25 -17.27 8.44
N PRO A 145 25.41 -16.27 8.69
CA PRO A 145 25.77 -14.91 8.30
C PRO A 145 26.92 -14.46 9.19
N TYR A 146 27.44 -13.27 8.90
CA TYR A 146 28.54 -12.68 9.65
C TYR A 146 27.90 -11.74 10.64
N ASP A 147 26.75 -11.21 10.23
CA ASP A 147 25.97 -10.20 10.95
C ASP A 147 24.85 -10.81 11.79
N PRO A 148 24.90 -10.63 13.11
CA PRO A 148 23.85 -11.18 13.98
C PRO A 148 22.44 -10.70 13.62
N LYS A 149 22.31 -9.50 13.06
CA LYS A 149 20.97 -9.01 12.66
C LYS A 149 20.32 -9.82 11.53
N LEU A 150 21.07 -10.67 10.85
CA LEU A 150 20.53 -11.47 9.73
C LEU A 150 20.12 -12.89 10.11
N LEU A 151 18.97 -13.36 9.62
CA LEU A 151 18.56 -14.73 9.96
C LEU A 151 19.17 -15.70 8.96
N THR A 152 18.85 -16.98 9.13
CA THR A 152 19.36 -18.02 8.25
C THR A 152 18.31 -19.11 8.23
N ALA A 153 18.07 -19.71 7.09
CA ALA A 153 17.11 -20.80 7.05
C ALA A 153 17.97 -22.01 6.79
N SER A 154 17.88 -23.00 7.66
CA SER A 154 18.69 -24.19 7.48
C SER A 154 17.81 -25.40 7.43
N LEU A 155 18.43 -26.50 7.02
CA LEU A 155 17.78 -27.78 6.90
C LEU A 155 18.94 -28.69 6.63
N LEU A 156 19.17 -29.65 7.54
CA LEU A 156 20.28 -30.60 7.38
C LEU A 156 19.68 -31.99 7.28
N ILE A 157 19.78 -32.57 6.09
CA ILE A 157 19.25 -33.89 5.82
C ILE A 157 20.27 -34.71 5.06
N ASP A 158 20.28 -36.02 5.32
CA ASP A 158 21.18 -36.95 4.67
C ASP A 158 22.64 -36.50 4.71
N GLY A 159 23.03 -35.86 5.81
CA GLY A 159 24.41 -35.40 5.95
C GLY A 159 24.75 -34.16 5.16
N GLU A 160 23.71 -33.51 4.63
CA GLU A 160 23.84 -32.29 3.82
C GLU A 160 23.22 -31.07 4.48
N LEU A 161 23.90 -29.92 4.35
CA LEU A 161 23.45 -28.64 4.92
C LEU A 161 22.93 -27.69 3.82
N TYR A 162 21.65 -27.34 3.90
CA TYR A 162 21.02 -26.43 2.96
C TYR A 162 20.70 -25.17 3.75
N SER A 163 21.15 -24.01 3.30
CA SER A 163 20.85 -22.84 4.07
C SER A 163 20.83 -21.62 3.19
N GLY A 164 20.12 -20.58 3.64
CA GLY A 164 20.03 -19.37 2.85
C GLY A 164 20.35 -18.18 3.73
N THR A 165 21.50 -17.53 3.48
CA THR A 165 21.92 -16.36 4.25
C THR A 165 22.86 -15.53 3.42
N ALA A 166 23.66 -14.74 4.14
CA ALA A 166 24.67 -13.88 3.56
C ALA A 166 26.02 -14.59 3.67
N ALA A 167 26.60 -14.90 2.53
CA ALA A 167 27.89 -15.58 2.50
C ALA A 167 29.06 -14.61 2.62
N ASP A 168 28.78 -13.34 2.95
CA ASP A 168 29.84 -12.34 3.02
C ASP A 168 29.89 -11.37 4.21
N PHE A 169 31.10 -10.91 4.50
CA PHE A 169 31.37 -9.96 5.56
C PHE A 169 30.43 -8.75 5.46
N MET A 170 30.27 -8.22 4.25
CA MET A 170 29.42 -7.03 4.03
C MET A 170 27.92 -7.30 4.01
N GLY A 171 27.54 -8.57 4.13
CA GLY A 171 26.12 -8.93 4.14
C GLY A 171 25.37 -8.39 2.95
N ARG A 172 25.85 -8.73 1.76
CA ARG A 172 25.20 -8.26 0.54
C ARG A 172 25.07 -9.45 -0.41
N ASP A 173 25.86 -10.49 -0.14
CA ASP A 173 25.84 -11.68 -0.99
C ASP A 173 24.87 -12.75 -0.48
N PHE A 174 23.58 -12.46 -0.54
CA PHE A 174 22.59 -13.44 -0.08
C PHE A 174 22.60 -14.62 -1.06
N ALA A 175 22.46 -15.82 -0.55
CA ALA A 175 22.52 -16.99 -1.41
C ALA A 175 21.82 -18.19 -0.78
N ILE A 176 21.69 -19.26 -1.55
CA ILE A 176 21.13 -20.47 -1.01
C ILE A 176 22.26 -21.43 -1.26
N PHE A 177 22.85 -21.96 -0.18
CA PHE A 177 23.96 -22.90 -0.28
C PHE A 177 23.60 -24.28 0.21
N ARG A 178 24.38 -25.25 -0.24
CA ARG A 178 24.30 -26.61 0.22
C ARG A 178 25.77 -26.88 0.49
N THR A 179 26.16 -27.03 1.74
CA THR A 179 27.56 -27.30 2.08
C THR A 179 27.59 -28.70 2.73
N LEU A 180 28.76 -29.20 3.10
CA LEU A 180 28.85 -30.55 3.70
C LEU A 180 28.45 -31.60 2.64
N GLY A 181 28.46 -32.87 3.04
CA GLY A 181 28.05 -33.94 2.16
C GLY A 181 28.73 -34.12 0.81
N HIS A 182 29.73 -34.99 0.81
CA HIS A 182 30.55 -35.39 -0.35
C HIS A 182 30.90 -34.45 -1.52
N HIS A 183 29.98 -33.60 -1.96
CA HIS A 183 30.31 -32.76 -3.10
C HIS A 183 30.62 -31.29 -2.80
N HIS A 184 31.42 -30.67 -3.67
CA HIS A 184 31.79 -29.27 -3.51
C HIS A 184 30.52 -28.45 -3.25
N PRO A 185 30.60 -27.45 -2.36
CA PRO A 185 29.42 -26.64 -2.08
C PRO A 185 28.79 -26.19 -3.39
N ILE A 186 27.47 -26.09 -3.41
CA ILE A 186 26.71 -25.62 -4.57
C ILE A 186 25.93 -24.39 -4.11
N ARG A 187 25.94 -23.30 -4.88
CA ARG A 187 25.20 -22.08 -4.49
C ARG A 187 24.47 -21.38 -5.66
N THR A 188 23.63 -20.41 -5.35
CA THR A 188 22.91 -19.66 -6.36
C THR A 188 23.89 -18.66 -7.00
N GLU A 189 23.51 -18.08 -8.13
CA GLU A 189 24.34 -17.11 -8.83
C GLU A 189 24.55 -15.87 -8.00
N GLN A 190 25.81 -15.47 -7.90
CA GLN A 190 26.18 -14.30 -7.14
C GLN A 190 25.88 -13.02 -7.93
N HIS A 191 25.46 -11.97 -7.22
CA HIS A 191 25.16 -10.68 -7.85
C HIS A 191 24.28 -10.77 -9.09
N ASP A 192 23.04 -11.20 -8.90
CA ASP A 192 22.07 -11.34 -9.98
C ASP A 192 20.67 -11.16 -9.39
N SER A 193 20.22 -9.93 -9.26
CA SER A 193 18.91 -9.69 -8.70
C SER A 193 17.79 -10.56 -9.27
N ARG A 194 17.99 -11.17 -10.45
CA ARG A 194 16.91 -12.03 -10.94
C ARG A 194 16.77 -13.26 -10.02
N TRP A 195 17.90 -13.85 -9.63
CA TRP A 195 17.89 -15.02 -8.77
C TRP A 195 17.36 -14.71 -7.36
N LEU A 196 18.03 -13.76 -6.72
CA LEU A 196 17.70 -13.31 -5.38
C LEU A 196 18.00 -11.81 -5.35
N ASN A 197 17.11 -11.04 -4.72
CA ASN A 197 17.30 -9.61 -4.66
C ASN A 197 17.07 -9.03 -3.26
N ASP A 198 18.13 -9.04 -2.45
CA ASP A 198 18.08 -8.53 -1.09
C ASP A 198 17.01 -9.23 -0.26
N PRO A 199 17.02 -10.57 -0.30
CA PRO A 199 16.08 -11.41 0.44
C PRO A 199 16.45 -11.58 1.90
N ARG A 200 15.46 -11.99 2.67
CA ARG A 200 15.54 -12.29 4.09
C ARG A 200 14.96 -13.69 4.12
N PHE A 201 15.77 -14.65 4.54
CA PHE A 201 15.34 -16.06 4.62
C PHE A 201 14.49 -16.39 5.86
N ILE A 202 13.74 -17.49 5.78
CA ILE A 202 12.79 -17.94 6.83
C ILE A 202 12.82 -19.43 7.13
N SER A 203 12.96 -20.27 6.11
CA SER A 203 13.01 -21.70 6.37
C SER A 203 13.11 -22.55 5.11
N ALA A 204 13.63 -23.76 5.29
CA ALA A 204 13.80 -24.70 4.21
C ALA A 204 13.20 -26.06 4.67
N HIS A 205 12.48 -26.72 3.76
CA HIS A 205 11.82 -27.98 4.04
C HIS A 205 12.00 -28.96 2.91
N LEU A 206 12.10 -30.25 3.23
CA LEU A 206 12.24 -31.30 2.23
C LEU A 206 10.81 -31.80 2.01
N ILE A 207 10.39 -31.92 0.76
CA ILE A 207 9.06 -32.39 0.47
C ILE A 207 9.15 -33.30 -0.76
N PRO A 208 8.92 -34.60 -0.57
CA PRO A 208 9.00 -35.46 -1.76
C PRO A 208 7.85 -35.07 -2.69
N GLU A 209 7.95 -35.47 -3.95
CA GLU A 209 6.95 -35.20 -4.99
C GLU A 209 6.32 -36.54 -5.36
N SER A 210 7.15 -37.45 -5.87
CA SER A 210 6.73 -38.79 -6.27
C SER A 210 7.13 -39.83 -5.21
N ASP A 211 7.06 -41.11 -5.56
CA ASP A 211 7.44 -42.16 -4.62
C ASP A 211 8.91 -42.47 -4.89
N ASN A 212 9.54 -41.57 -5.64
CA ASN A 212 10.95 -41.71 -6.00
C ASN A 212 11.79 -40.65 -5.31
N PRO A 213 12.72 -41.07 -4.44
CA PRO A 213 13.58 -40.12 -3.72
C PRO A 213 14.32 -39.15 -4.64
N GLU A 214 14.48 -39.54 -5.90
CA GLU A 214 15.20 -38.67 -6.83
C GLU A 214 14.47 -37.42 -7.30
N ASP A 215 13.15 -37.39 -7.10
CA ASP A 215 12.35 -36.25 -7.50
C ASP A 215 12.19 -35.34 -6.30
N ASP A 216 12.95 -35.63 -5.25
CA ASP A 216 12.88 -34.83 -4.05
C ASP A 216 13.39 -33.44 -4.25
N LYS A 217 12.65 -32.48 -3.68
CA LYS A 217 13.01 -31.08 -3.79
C LYS A 217 13.02 -30.42 -2.42
N VAL A 218 13.90 -29.43 -2.26
CA VAL A 218 14.02 -28.69 -1.01
C VAL A 218 13.34 -27.36 -1.28
N TYR A 219 12.45 -26.92 -0.40
CA TYR A 219 11.77 -25.65 -0.61
C TYR A 219 12.18 -24.61 0.42
N PHE A 220 12.57 -23.43 -0.06
CA PHE A 220 12.95 -22.35 0.83
C PHE A 220 11.84 -21.31 0.85
N PHE A 221 11.70 -20.60 1.96
CA PHE A 221 10.68 -19.58 2.03
C PHE A 221 11.44 -18.33 2.41
N PHE A 222 11.08 -17.19 1.83
CA PHE A 222 11.76 -15.96 2.15
C PHE A 222 11.01 -14.78 1.62
N ARG A 223 11.59 -13.59 1.74
CA ARG A 223 10.93 -12.39 1.25
C ARG A 223 12.05 -11.54 0.64
N GLU A 224 11.79 -10.92 -0.50
CA GLU A 224 12.83 -10.13 -1.18
C GLU A 224 12.21 -8.93 -1.84
N ASN A 225 13.08 -8.04 -2.34
CA ASN A 225 12.61 -6.85 -3.02
C ASN A 225 12.18 -7.18 -4.44
N ALA A 226 11.00 -6.71 -4.82
CA ALA A 226 10.47 -6.94 -6.15
C ALA A 226 11.32 -6.17 -7.17
N ILE A 227 11.31 -6.63 -8.41
CA ILE A 227 12.03 -5.94 -9.49
C ILE A 227 11.02 -5.65 -10.60
N ASP A 228 10.84 -4.36 -10.90
CA ASP A 228 9.90 -3.97 -11.94
C ASP A 228 10.21 -2.61 -12.58
N GLY A 229 11.29 -2.58 -13.35
CA GLY A 229 11.72 -1.36 -14.05
C GLY A 229 12.36 -0.28 -13.21
N GLU A 230 13.23 0.53 -13.83
CA GLU A 230 13.91 1.62 -13.14
C GLU A 230 12.88 2.44 -12.38
N HIS A 231 11.67 2.51 -12.93
CA HIS A 231 10.57 3.24 -12.31
C HIS A 231 10.46 2.81 -10.86
N SER A 232 10.18 3.76 -9.98
CA SER A 232 10.09 3.48 -8.53
C SER A 232 9.01 2.46 -8.10
N GLY A 233 8.50 2.64 -6.88
CA GLY A 233 7.47 1.74 -6.37
C GLY A 233 8.05 0.54 -5.63
N LYS A 234 8.92 0.81 -4.65
CA LYS A 234 9.53 -0.27 -3.87
C LYS A 234 8.45 -1.10 -3.19
N ALA A 235 8.59 -2.42 -3.34
CA ALA A 235 7.64 -3.37 -2.81
C ALA A 235 8.35 -4.64 -2.37
N THR A 236 7.67 -5.43 -1.53
CA THR A 236 8.21 -6.70 -1.04
C THR A 236 7.45 -7.86 -1.68
N HIS A 237 8.15 -8.95 -1.96
CA HIS A 237 7.51 -10.12 -2.57
C HIS A 237 7.80 -11.36 -1.74
N ALA A 238 6.81 -11.88 -1.03
CA ALA A 238 7.01 -13.10 -0.24
C ALA A 238 7.33 -14.13 -1.32
N ARG A 239 8.17 -15.12 -1.06
CA ARG A 239 8.44 -16.09 -2.13
C ARG A 239 8.70 -17.49 -1.58
N ILE A 240 8.65 -18.48 -2.48
CA ILE A 240 8.95 -19.87 -2.13
C ILE A 240 9.78 -20.36 -3.30
N GLY A 241 10.87 -21.08 -3.00
CA GLY A 241 11.73 -21.57 -4.06
C GLY A 241 11.95 -23.05 -3.92
N GLN A 242 12.33 -23.71 -5.01
CA GLN A 242 12.55 -25.14 -4.98
C GLN A 242 13.94 -25.42 -5.49
N ILE A 243 14.42 -26.63 -5.23
CA ILE A 243 15.74 -27.06 -5.63
C ILE A 243 15.79 -28.57 -5.52
N CYS A 244 16.31 -29.24 -6.53
CA CYS A 244 16.37 -30.68 -6.43
C CYS A 244 17.45 -31.10 -5.46
N LYS A 245 17.11 -32.04 -4.57
CA LYS A 245 18.09 -32.51 -3.59
C LYS A 245 19.32 -33.07 -4.30
N ASN A 246 19.13 -33.66 -5.48
CA ASN A 246 20.22 -34.26 -6.26
C ASN A 246 20.82 -33.33 -7.34
N ASP A 247 20.66 -32.02 -7.19
CA ASP A 247 21.22 -31.08 -8.18
C ASP A 247 22.68 -30.83 -7.81
N PHE A 248 23.62 -31.09 -8.72
CA PHE A 248 25.02 -30.81 -8.41
C PHE A 248 25.67 -29.86 -9.42
N GLY A 249 24.84 -29.08 -10.12
CA GLY A 249 25.35 -28.13 -11.08
C GLY A 249 25.74 -28.74 -12.41
N GLY A 250 26.08 -27.88 -13.37
CA GLY A 250 26.47 -28.33 -14.70
C GLY A 250 27.94 -28.71 -14.84
N HIS A 251 28.35 -29.06 -16.06
CA HIS A 251 29.74 -29.45 -16.36
C HIS A 251 30.53 -28.14 -16.40
N ARG A 252 30.20 -27.28 -17.37
CA ARG A 252 30.81 -25.97 -17.50
C ARG A 252 29.60 -25.05 -17.49
N SER A 253 29.77 -23.76 -17.18
CA SER A 253 28.64 -22.83 -17.10
C SER A 253 27.73 -23.34 -15.97
N LEU A 254 27.42 -22.46 -15.01
CA LEU A 254 26.64 -22.85 -13.84
C LEU A 254 27.36 -23.97 -13.06
N VAL A 255 28.70 -24.03 -13.21
CA VAL A 255 29.55 -25.01 -12.50
C VAL A 255 29.35 -24.75 -10.99
N ASN A 256 29.20 -25.83 -10.21
CA ASN A 256 28.90 -25.75 -8.76
C ASN A 256 27.80 -24.72 -8.46
N LYS A 257 26.73 -24.72 -9.28
CA LYS A 257 25.58 -23.82 -9.07
C LYS A 257 24.27 -24.52 -9.44
N TRP A 258 23.19 -24.13 -8.76
CA TRP A 258 21.87 -24.72 -8.99
C TRP A 258 21.49 -24.58 -10.45
N THR A 259 21.06 -25.69 -11.02
CA THR A 259 20.64 -25.73 -12.40
C THR A 259 19.15 -25.96 -12.36
N THR A 260 18.62 -26.11 -11.14
CA THR A 260 17.19 -26.39 -10.89
C THR A 260 16.42 -25.34 -10.07
N PHE A 261 17.09 -24.29 -9.64
CA PHE A 261 16.42 -23.26 -8.87
C PHE A 261 15.27 -22.67 -9.66
N LEU A 262 14.13 -22.44 -9.00
CA LEU A 262 12.92 -21.83 -9.58
C LEU A 262 12.26 -21.21 -8.36
N LYS A 263 11.59 -20.09 -8.52
CA LYS A 263 10.98 -19.47 -7.36
C LYS A 263 9.73 -18.76 -7.84
N ALA A 264 8.72 -18.71 -6.98
CA ALA A 264 7.44 -18.13 -7.31
C ALA A 264 6.96 -17.23 -6.19
N ARG A 265 6.16 -16.22 -6.53
CA ARG A 265 5.63 -15.32 -5.50
C ARG A 265 4.49 -15.99 -4.71
N LEU A 266 4.38 -15.63 -3.44
CA LEU A 266 3.34 -16.15 -2.54
C LEU A 266 2.43 -14.97 -2.25
N ILE A 267 1.18 -15.05 -2.66
CA ILE A 267 0.31 -13.93 -2.40
C ILE A 267 -0.58 -14.17 -1.18
N CYS A 268 -0.76 -13.15 -0.37
CA CYS A 268 -1.62 -13.24 0.80
C CYS A 268 -2.27 -11.89 0.84
N SER A 269 -3.42 -11.79 0.19
CA SER A 269 -4.11 -10.52 0.15
C SER A 269 -5.58 -10.72 0.37
N VAL A 270 -6.28 -9.60 0.49
CA VAL A 270 -7.72 -9.60 0.70
C VAL A 270 -8.41 -8.77 -0.38
N PRO A 271 -9.27 -9.39 -1.19
CA PRO A 271 -10.00 -8.73 -2.26
C PRO A 271 -10.67 -7.47 -1.74
N GLY A 272 -10.66 -6.42 -2.56
CA GLY A 272 -11.27 -5.16 -2.18
C GLY A 272 -12.48 -4.85 -3.04
N PRO A 273 -13.21 -3.77 -2.73
CA PRO A 273 -14.39 -3.45 -3.54
C PRO A 273 -14.02 -2.94 -4.94
N ASN A 274 -13.29 -1.82 -4.98
CA ASN A 274 -12.86 -1.17 -6.23
C ASN A 274 -11.79 -1.96 -7.00
N GLY A 275 -11.72 -3.28 -6.79
CA GLY A 275 -10.72 -4.07 -7.49
C GLY A 275 -9.32 -4.04 -6.86
N ILE A 276 -9.11 -3.14 -5.90
CA ILE A 276 -7.80 -2.97 -5.22
C ILE A 276 -7.68 -3.87 -3.97
N ASP A 277 -6.67 -4.72 -3.95
CA ASP A 277 -6.51 -5.63 -2.83
C ASP A 277 -5.52 -5.16 -1.78
N THR A 278 -5.70 -5.63 -0.56
CA THR A 278 -4.79 -5.28 0.51
C THR A 278 -3.86 -6.46 0.58
N HIS A 279 -2.56 -6.19 0.48
CA HIS A 279 -1.54 -7.25 0.50
C HIS A 279 -0.74 -7.29 1.81
N PHE A 280 -0.14 -8.44 2.10
CA PHE A 280 0.70 -8.58 3.29
C PHE A 280 1.86 -9.35 2.69
N ASP A 281 2.90 -8.63 2.32
CA ASP A 281 4.00 -9.29 1.66
C ASP A 281 5.18 -9.70 2.53
N GLU A 282 5.26 -9.10 3.72
CA GLU A 282 6.36 -9.37 4.65
C GLU A 282 6.29 -10.73 5.34
N LEU A 283 6.66 -11.83 4.67
CA LEU A 283 6.63 -13.15 5.30
C LEU A 283 7.41 -13.06 6.62
N GLN A 284 6.90 -13.69 7.67
CA GLN A 284 7.57 -13.61 8.97
C GLN A 284 7.95 -14.98 9.51
N ASP A 285 7.16 -15.98 9.15
CA ASP A 285 7.43 -17.34 9.59
C ASP A 285 6.58 -18.32 8.79
N VAL A 286 7.00 -19.58 8.83
CA VAL A 286 6.34 -20.65 8.11
C VAL A 286 6.31 -21.92 8.94
N PHE A 287 5.20 -22.63 8.85
CA PHE A 287 5.00 -23.88 9.55
C PHE A 287 4.30 -24.83 8.58
N LEU A 288 4.82 -26.03 8.39
CA LEU A 288 4.19 -27.00 7.52
C LEU A 288 3.45 -28.04 8.36
N MET A 289 2.17 -28.21 8.07
CA MET A 289 1.34 -29.20 8.78
C MET A 289 1.45 -30.53 8.06
N ASN A 290 2.23 -31.46 8.62
CA ASN A 290 2.35 -32.79 8.00
C ASN A 290 0.97 -33.42 7.85
N SER A 291 0.42 -33.40 6.65
CA SER A 291 -0.89 -33.98 6.38
C SER A 291 -0.73 -35.51 6.32
N LYS A 292 -1.79 -36.21 5.91
CA LYS A 292 -1.74 -37.68 5.79
C LYS A 292 -0.71 -38.06 4.71
N ASP A 293 -0.72 -37.33 3.61
CA ASP A 293 0.22 -37.60 2.51
C ASP A 293 1.52 -36.78 2.62
N PRO A 294 2.66 -37.46 2.80
CA PRO A 294 3.96 -36.76 2.92
C PRO A 294 4.36 -35.92 1.70
N LYS A 295 3.53 -35.94 0.66
CA LYS A 295 3.82 -35.19 -0.56
C LYS A 295 2.93 -33.97 -0.57
N ASN A 296 2.16 -33.78 0.50
CA ASN A 296 1.25 -32.66 0.55
C ASN A 296 1.01 -32.00 1.90
N PRO A 297 2.08 -31.48 2.53
CA PRO A 297 1.89 -30.83 3.82
C PRO A 297 1.19 -29.51 3.60
N ILE A 298 0.32 -29.15 4.52
CA ILE A 298 -0.35 -27.86 4.41
C ILE A 298 0.72 -26.84 4.81
N VAL A 299 0.77 -25.72 4.09
CA VAL A 299 1.74 -24.66 4.37
C VAL A 299 1.10 -23.45 5.03
N TYR A 300 1.43 -23.21 6.29
CA TYR A 300 0.88 -22.04 6.96
C TYR A 300 1.95 -20.95 6.86
N GLY A 301 1.52 -19.68 6.78
CA GLY A 301 2.43 -18.57 6.69
C GLY A 301 1.94 -17.33 7.40
N VAL A 302 2.85 -16.63 8.10
CA VAL A 302 2.47 -15.43 8.83
C VAL A 302 3.00 -14.19 8.10
N PHE A 303 2.10 -13.39 7.54
CA PHE A 303 2.51 -12.20 6.79
C PHE A 303 2.09 -10.92 7.46
N THR A 304 2.87 -9.87 7.22
CA THR A 304 2.57 -8.56 7.78
C THR A 304 2.63 -7.52 6.66
N THR A 305 2.02 -6.36 6.93
CA THR A 305 1.97 -5.23 6.01
C THR A 305 3.32 -4.56 5.98
N SER A 306 3.69 -4.08 4.79
CA SER A 306 4.96 -3.38 4.58
C SER A 306 4.87 -1.95 5.12
N SER A 307 3.63 -1.45 5.18
CA SER A 307 3.41 -0.09 5.67
C SER A 307 3.82 0.10 7.11
N ASN A 308 4.62 1.13 7.33
CA ASN A 308 5.08 1.47 8.67
C ASN A 308 3.96 2.07 9.51
N ILE A 309 3.01 2.77 8.85
CA ILE A 309 1.87 3.41 9.52
C ILE A 309 0.79 2.39 9.94
N PHE A 310 0.17 1.75 8.96
CA PHE A 310 -0.88 0.77 9.21
C PHE A 310 -0.33 -0.59 9.62
N LYS A 311 -0.45 -0.95 10.89
CA LYS A 311 0.03 -2.27 11.33
C LYS A 311 -1.05 -3.30 10.99
N GLY A 312 -0.64 -4.47 10.50
CA GLY A 312 -1.60 -5.50 10.15
C GLY A 312 -0.87 -6.83 9.93
N SER A 313 -1.48 -7.93 10.34
CA SER A 313 -0.86 -9.25 10.19
C SER A 313 -1.91 -10.22 9.69
N ALA A 314 -1.46 -11.24 8.97
CA ALA A 314 -2.39 -12.21 8.43
C ALA A 314 -1.69 -13.54 8.41
N VAL A 315 -2.51 -14.59 8.35
CA VAL A 315 -2.02 -15.95 8.26
C VAL A 315 -2.65 -16.45 6.97
N CYS A 316 -1.90 -17.23 6.21
CA CYS A 316 -2.36 -17.73 4.94
C CYS A 316 -2.01 -19.22 4.76
N MET A 317 -2.92 -20.00 4.19
CA MET A 317 -2.60 -21.41 3.97
C MET A 317 -2.33 -21.67 2.47
N TYR A 318 -1.39 -22.56 2.17
CA TYR A 318 -1.09 -22.86 0.78
C TYR A 318 -0.95 -24.37 0.61
N SER A 319 -1.47 -24.90 -0.50
CA SER A 319 -1.34 -26.33 -0.75
C SER A 319 -0.20 -26.52 -1.75
N MET A 320 0.56 -27.61 -1.61
CA MET A 320 1.66 -27.88 -2.52
C MET A 320 1.13 -28.29 -3.91
N SER A 321 -0.18 -28.46 -4.06
CA SER A 321 -0.67 -28.81 -5.38
C SER A 321 -0.64 -27.49 -6.15
N ASP A 322 -1.04 -26.40 -5.49
CA ASP A 322 -1.04 -25.08 -6.12
C ASP A 322 0.38 -24.67 -6.51
N VAL A 323 1.30 -24.74 -5.54
CA VAL A 323 2.70 -24.37 -5.75
C VAL A 323 3.26 -25.10 -6.96
N ARG A 324 3.05 -26.40 -7.02
CA ARG A 324 3.53 -27.21 -8.13
C ARG A 324 2.89 -26.86 -9.45
N ARG A 325 1.70 -26.28 -9.40
CA ARG A 325 1.00 -25.92 -10.64
C ARG A 325 1.72 -24.71 -11.19
N VAL A 326 2.12 -23.82 -10.31
CA VAL A 326 2.83 -22.63 -10.70
C VAL A 326 4.20 -22.99 -11.23
N PHE A 327 4.88 -23.91 -10.56
CA PHE A 327 6.21 -24.27 -11.05
C PHE A 327 6.17 -25.02 -12.38
N LEU A 328 5.04 -25.62 -12.70
CA LEU A 328 4.92 -26.33 -13.98
C LEU A 328 4.35 -25.40 -15.07
N GLY A 329 4.18 -24.13 -14.72
CA GLY A 329 3.63 -23.14 -15.64
C GLY A 329 4.62 -22.21 -16.33
N PRO A 330 4.13 -21.05 -16.81
CA PRO A 330 5.00 -20.10 -17.50
C PRO A 330 6.09 -19.46 -16.65
N TYR A 331 7.32 -19.45 -17.16
CA TYR A 331 8.42 -18.79 -16.44
C TYR A 331 8.23 -17.29 -16.70
N ALA A 332 8.75 -16.45 -15.81
CA ALA A 332 8.63 -15.01 -16.05
C ALA A 332 9.65 -14.70 -17.17
N HIS A 333 9.40 -13.66 -17.96
CA HIS A 333 10.32 -13.36 -19.04
C HIS A 333 10.43 -11.88 -19.44
N ARG A 334 11.66 -11.44 -19.71
CA ARG A 334 11.96 -10.06 -20.07
C ARG A 334 12.87 -9.95 -21.30
N ASP A 335 12.67 -8.95 -22.14
CA ASP A 335 13.54 -8.80 -23.31
C ASP A 335 14.67 -7.85 -22.92
N GLY A 336 14.51 -7.23 -21.76
CA GLY A 336 15.51 -6.31 -21.25
C GLY A 336 15.02 -5.56 -20.01
N PRO A 337 15.79 -4.57 -19.53
CA PRO A 337 15.37 -3.82 -18.35
C PRO A 337 14.20 -2.88 -18.63
N ASN A 338 14.07 -2.43 -19.88
CA ASN A 338 13.00 -1.52 -20.25
C ASN A 338 11.73 -2.24 -20.70
N TYR A 339 11.73 -3.57 -20.59
CA TYR A 339 10.57 -4.35 -20.97
C TYR A 339 9.76 -4.79 -19.77
N GLN A 340 8.48 -5.08 -20.02
CA GLN A 340 7.55 -5.52 -18.99
C GLN A 340 7.76 -7.03 -18.82
N TRP A 341 7.48 -7.54 -17.63
CA TRP A 341 7.62 -8.98 -17.41
C TRP A 341 6.48 -9.64 -18.16
N VAL A 342 6.76 -10.78 -18.78
CA VAL A 342 5.76 -11.50 -19.57
C VAL A 342 5.94 -13.03 -19.51
N PRO A 343 4.83 -13.77 -19.48
CA PRO A 343 4.97 -15.22 -19.44
C PRO A 343 5.72 -15.64 -20.68
N TYR A 344 6.71 -16.52 -20.54
CA TYR A 344 7.51 -17.02 -21.67
C TYR A 344 6.65 -17.84 -22.61
N GLN A 345 6.40 -17.32 -23.80
CA GLN A 345 5.59 -18.03 -24.78
C GLN A 345 6.46 -18.91 -25.68
N GLY A 346 7.77 -18.74 -25.55
CA GLY A 346 8.71 -19.50 -26.36
C GLY A 346 8.70 -21.01 -26.14
N ARG A 347 9.71 -21.69 -26.66
CA ARG A 347 9.79 -23.14 -26.53
C ARG A 347 10.74 -23.47 -25.39
N VAL A 348 10.19 -24.11 -24.37
CA VAL A 348 10.96 -24.47 -23.20
C VAL A 348 11.90 -25.63 -23.47
N PRO A 349 13.18 -25.47 -23.10
CA PRO A 349 14.05 -26.60 -23.36
C PRO A 349 13.60 -27.84 -22.60
N TYR A 350 14.15 -28.98 -23.02
CA TYR A 350 13.88 -30.31 -22.48
C TYR A 350 15.25 -30.87 -22.08
N PRO A 351 15.37 -31.45 -20.87
CA PRO A 351 14.27 -31.56 -19.90
C PRO A 351 13.82 -30.21 -19.39
N ARG A 352 12.60 -30.17 -18.86
CA ARG A 352 12.08 -28.90 -18.35
C ARG A 352 12.93 -28.38 -17.20
N PRO A 353 13.36 -27.12 -17.26
CA PRO A 353 14.19 -26.50 -16.21
C PRO A 353 13.50 -26.48 -14.83
N GLY A 354 14.13 -27.12 -13.86
CA GLY A 354 13.56 -27.20 -12.52
C GLY A 354 13.19 -28.64 -12.25
N THR A 355 13.40 -29.49 -13.25
CA THR A 355 13.07 -30.90 -13.17
C THR A 355 14.23 -31.77 -12.69
N CYS A 356 14.01 -32.47 -11.59
CA CYS A 356 15.10 -33.27 -11.06
C CYS A 356 15.56 -34.38 -11.95
N PRO A 357 16.88 -34.52 -12.09
CA PRO A 357 17.38 -35.60 -12.94
C PRO A 357 16.90 -36.89 -12.26
N SER A 358 16.60 -37.93 -13.05
CA SER A 358 16.11 -39.18 -12.49
C SER A 358 16.65 -40.37 -13.27
N LYS A 359 16.88 -41.49 -12.59
CA LYS A 359 17.37 -42.70 -13.23
C LYS A 359 16.22 -43.44 -13.92
N THR A 360 15.09 -42.76 -14.01
CA THR A 360 13.90 -43.33 -14.66
C THR A 360 13.57 -42.34 -15.78
N PHE A 361 12.34 -41.86 -15.80
CA PHE A 361 11.90 -40.91 -16.82
C PHE A 361 12.87 -39.73 -16.85
N GLY A 362 13.09 -39.17 -18.04
CA GLY A 362 13.99 -38.05 -18.22
C GLY A 362 15.11 -38.33 -19.19
N GLY A 363 15.71 -39.52 -19.09
CA GLY A 363 16.80 -39.89 -19.96
C GLY A 363 18.13 -39.49 -19.36
N PHE A 364 18.10 -38.57 -18.38
CA PHE A 364 19.30 -38.11 -17.70
C PHE A 364 19.34 -38.51 -16.23
N ASP A 365 20.50 -38.96 -15.78
CA ASP A 365 20.67 -39.38 -14.39
C ASP A 365 21.68 -38.49 -13.66
N SER A 366 21.90 -37.30 -14.19
CA SER A 366 22.83 -36.34 -13.60
C SER A 366 22.59 -34.93 -14.10
N THR A 367 22.72 -33.96 -13.20
CA THR A 367 22.50 -32.56 -13.54
C THR A 367 23.66 -31.98 -14.34
N LYS A 368 24.86 -32.56 -14.17
CA LYS A 368 26.07 -32.11 -14.87
C LYS A 368 26.08 -32.54 -16.33
N ASP A 369 25.20 -33.48 -16.66
CA ASP A 369 25.09 -33.96 -18.03
C ASP A 369 24.05 -33.16 -18.82
N LEU A 370 23.38 -32.21 -18.17
CA LEU A 370 22.37 -31.40 -18.85
C LEU A 370 23.00 -30.66 -20.02
N PRO A 371 22.21 -30.40 -21.09
CA PRO A 371 22.70 -29.68 -22.28
C PRO A 371 22.82 -28.17 -22.04
N ASP A 372 23.50 -27.48 -22.96
CA ASP A 372 23.70 -26.05 -22.84
C ASP A 372 22.42 -25.24 -22.85
N ASP A 373 21.51 -25.56 -23.75
CA ASP A 373 20.28 -24.81 -23.87
C ASP A 373 19.44 -24.76 -22.59
N VAL A 374 19.44 -25.85 -21.81
CA VAL A 374 18.69 -25.82 -20.58
C VAL A 374 19.52 -24.95 -19.63
N ILE A 375 20.77 -25.34 -19.37
CA ILE A 375 21.61 -24.51 -18.49
C ILE A 375 21.53 -23.02 -18.86
N THR A 376 21.61 -22.65 -20.14
CA THR A 376 21.54 -21.23 -20.52
C THR A 376 20.23 -20.65 -20.01
N PHE A 377 19.14 -21.36 -20.29
CA PHE A 377 17.81 -21.01 -19.82
C PHE A 377 18.03 -21.25 -18.34
N ALA A 378 17.05 -20.98 -17.48
CA ALA A 378 17.30 -21.25 -16.05
C ALA A 378 18.18 -20.17 -15.52
N ARG A 379 19.37 -20.08 -16.11
CA ARG A 379 20.35 -19.07 -15.74
C ARG A 379 19.72 -17.71 -15.81
N SER A 380 18.78 -17.54 -16.72
CA SER A 380 18.09 -16.26 -16.86
C SER A 380 16.59 -16.44 -16.65
N HIS A 381 16.19 -17.62 -16.20
CA HIS A 381 14.76 -17.86 -15.97
C HIS A 381 14.40 -18.50 -14.60
N PRO A 382 14.98 -17.98 -13.50
CA PRO A 382 14.73 -18.50 -12.14
C PRO A 382 13.40 -18.06 -11.54
N ALA A 383 12.69 -17.16 -12.20
CA ALA A 383 11.41 -16.78 -11.63
C ALA A 383 10.26 -17.23 -12.49
N MET A 384 9.13 -17.42 -11.84
CA MET A 384 7.92 -17.86 -12.50
C MET A 384 7.02 -16.63 -12.71
N TYR A 385 6.11 -16.70 -13.68
CA TYR A 385 5.21 -15.57 -13.93
C TYR A 385 3.99 -15.56 -13.01
N ASN A 386 3.36 -16.71 -12.82
CA ASN A 386 2.16 -16.81 -11.96
C ASN A 386 2.51 -16.93 -10.48
N PRO A 387 1.92 -16.07 -9.64
CA PRO A 387 2.20 -16.14 -8.20
C PRO A 387 1.31 -17.26 -7.67
N VAL A 388 1.69 -17.85 -6.55
CA VAL A 388 0.84 -18.88 -5.99
C VAL A 388 -0.06 -18.21 -4.95
N PHE A 389 -1.37 -18.30 -5.20
CA PHE A 389 -2.38 -17.71 -4.30
C PHE A 389 -2.66 -18.67 -3.15
N PRO A 390 -3.23 -18.16 -2.06
CA PRO A 390 -3.54 -19.02 -0.90
C PRO A 390 -4.91 -19.68 -1.07
N ILE A 391 -5.06 -20.90 -0.53
CA ILE A 391 -6.32 -21.65 -0.58
C ILE A 391 -7.53 -20.74 -0.26
N ASN A 392 -8.45 -20.60 -1.22
CA ASN A 392 -9.67 -19.76 -1.15
C ASN A 392 -9.37 -18.32 -1.55
N ASN A 393 -8.14 -18.06 -1.97
CA ASN A 393 -7.76 -16.72 -2.41
C ASN A 393 -8.07 -15.71 -1.29
N ARG A 394 -7.93 -16.17 -0.05
CA ARG A 394 -8.16 -15.34 1.12
C ARG A 394 -7.31 -15.82 2.29
N PRO A 395 -6.98 -14.91 3.21
CA PRO A 395 -6.17 -15.35 4.35
C PRO A 395 -7.11 -15.94 5.41
N ILE A 396 -6.63 -16.92 6.19
CA ILE A 396 -7.43 -17.55 7.25
C ILE A 396 -7.82 -16.55 8.34
N MET A 397 -6.85 -15.77 8.80
CA MET A 397 -7.06 -14.82 9.87
C MET A 397 -6.50 -13.43 9.50
N ILE A 398 -6.97 -12.39 10.16
CA ILE A 398 -6.51 -11.03 9.88
C ILE A 398 -6.52 -10.19 11.16
N LYS A 399 -5.57 -9.29 11.30
CA LYS A 399 -5.49 -8.43 12.47
C LYS A 399 -4.93 -7.12 11.95
N THR A 400 -5.70 -6.06 12.13
CA THR A 400 -5.34 -4.73 11.65
C THR A 400 -5.57 -3.67 12.73
N ASP A 401 -6.65 -3.82 13.49
CA ASP A 401 -7.01 -2.90 14.58
C ASP A 401 -5.95 -3.03 15.68
N VAL A 402 -5.46 -4.26 15.83
CA VAL A 402 -4.43 -4.62 16.80
C VAL A 402 -3.21 -3.71 16.71
N ASN A 403 -2.57 -3.48 17.85
CA ASN A 403 -1.38 -2.62 17.94
C ASN A 403 -0.04 -3.39 18.03
N TYR A 404 0.00 -4.58 17.43
CA TYR A 404 1.21 -5.43 17.40
C TYR A 404 1.24 -6.25 16.08
N GLN A 405 2.13 -7.23 15.95
CA GLN A 405 2.19 -8.02 14.72
C GLN A 405 2.72 -9.42 14.98
N PHE A 406 2.15 -10.39 14.26
CA PHE A 406 2.58 -11.77 14.41
C PHE A 406 4.06 -11.86 14.03
N THR A 407 4.77 -12.83 14.60
CA THR A 407 6.19 -13.01 14.31
C THR A 407 6.55 -14.48 14.17
N GLN A 408 5.71 -15.35 14.73
CA GLN A 408 5.94 -16.79 14.64
C GLN A 408 4.62 -17.56 14.66
N ILE A 409 4.68 -18.80 14.20
CA ILE A 409 3.49 -19.62 14.17
C ILE A 409 3.82 -21.09 14.18
N VAL A 410 2.87 -21.84 14.74
CA VAL A 410 2.94 -23.28 14.86
C VAL A 410 1.48 -23.70 14.95
N VAL A 411 1.17 -24.92 14.58
CA VAL A 411 -0.21 -25.36 14.67
C VAL A 411 -0.19 -26.80 15.10
N ASP A 412 -1.20 -27.18 15.87
CA ASP A 412 -1.30 -28.55 16.36
C ASP A 412 -2.57 -29.14 15.77
N ARG A 413 -2.54 -30.44 15.47
CA ARG A 413 -3.72 -31.15 14.93
C ARG A 413 -4.27 -31.98 16.08
N VAL A 414 -5.26 -31.41 16.76
CA VAL A 414 -5.88 -32.06 17.92
C VAL A 414 -7.18 -32.83 17.64
N ASP A 415 -7.14 -34.14 17.88
CA ASP A 415 -8.29 -35.00 17.70
C ASP A 415 -9.30 -34.76 18.81
N ALA A 416 -10.53 -34.39 18.44
CA ALA A 416 -11.57 -34.13 19.42
C ALA A 416 -12.75 -35.07 19.23
N GLU A 417 -13.89 -34.72 19.81
CA GLU A 417 -15.10 -35.54 19.69
C GLU A 417 -15.89 -35.25 18.42
N ASP A 418 -15.78 -34.01 17.94
CA ASP A 418 -16.49 -33.60 16.73
C ASP A 418 -15.65 -33.98 15.51
N GLY A 419 -14.34 -33.75 15.62
CA GLY A 419 -13.40 -34.06 14.54
C GLY A 419 -12.03 -33.48 14.85
N GLN A 420 -11.16 -33.43 13.84
CA GLN A 420 -9.83 -32.88 14.04
C GLN A 420 -9.92 -31.37 13.88
N TYR A 421 -9.18 -30.65 14.73
CA TYR A 421 -9.16 -29.19 14.69
C TYR A 421 -7.72 -28.73 14.73
N ASP A 422 -7.40 -27.76 13.88
CA ASP A 422 -6.06 -27.21 13.81
C ASP A 422 -6.00 -25.95 14.65
N VAL A 423 -5.23 -26.01 15.73
CA VAL A 423 -5.10 -24.86 16.61
C VAL A 423 -3.79 -24.16 16.28
N MET A 424 -3.89 -22.85 16.03
CA MET A 424 -2.73 -22.04 15.66
C MET A 424 -2.20 -21.24 16.84
N PHE A 425 -0.95 -21.49 17.22
CA PHE A 425 -0.37 -20.72 18.32
C PHE A 425 0.51 -19.68 17.64
N ILE A 426 0.02 -18.44 17.60
CA ILE A 426 0.72 -17.36 16.93
C ILE A 426 1.56 -16.52 17.87
N GLY A 427 2.82 -16.31 17.49
CA GLY A 427 3.71 -15.49 18.31
C GLY A 427 3.52 -14.03 18.01
N THR A 428 4.05 -13.17 18.87
CA THR A 428 3.92 -11.73 18.68
C THR A 428 5.18 -10.96 18.97
N ASP A 429 5.31 -9.79 18.38
CA ASP A 429 6.51 -9.01 18.57
C ASP A 429 6.40 -8.17 19.83
N VAL A 430 5.54 -8.63 20.74
CA VAL A 430 5.34 -7.90 21.98
C VAL A 430 5.19 -8.92 23.12
N GLY A 431 5.87 -10.06 22.98
CA GLY A 431 5.82 -11.11 23.99
C GLY A 431 4.37 -11.47 24.23
N THR A 432 3.87 -12.43 23.48
CA THR A 432 2.47 -12.81 23.58
C THR A 432 2.18 -13.96 22.64
N VAL A 433 1.27 -14.83 23.05
CA VAL A 433 0.92 -15.96 22.22
C VAL A 433 -0.60 -16.03 22.13
N LEU A 434 -1.10 -16.18 20.91
CA LEU A 434 -2.54 -16.26 20.69
C LEU A 434 -2.90 -17.66 20.29
N LYS A 435 -3.88 -18.26 20.96
CA LYS A 435 -4.30 -19.61 20.60
C LYS A 435 -5.54 -19.45 19.74
N VAL A 436 -5.53 -20.03 18.54
CA VAL A 436 -6.68 -19.89 17.64
C VAL A 436 -7.17 -21.14 16.93
N VAL A 437 -8.50 -21.26 16.84
CA VAL A 437 -9.19 -22.35 16.17
C VAL A 437 -9.96 -21.76 15.00
N SER A 438 -10.12 -22.51 13.92
CA SER A 438 -10.83 -21.96 12.75
C SER A 438 -12.09 -22.69 12.24
N VAL A 439 -12.65 -22.13 11.17
CA VAL A 439 -13.86 -22.66 10.52
C VAL A 439 -13.89 -22.35 9.01
N LEU A 451 -10.58 -16.82 18.45
CA LEU A 451 -9.50 -16.49 19.38
C LEU A 451 -9.76 -17.02 20.82
N LEU A 452 -9.22 -18.21 21.11
CA LEU A 452 -9.40 -18.81 22.42
C LEU A 452 -8.69 -18.06 23.56
N GLU A 453 -7.41 -17.74 23.40
CA GLU A 453 -6.66 -17.05 24.46
C GLU A 453 -5.43 -16.21 24.05
N GLU A 454 -5.22 -15.09 24.75
CA GLU A 454 -4.08 -14.18 24.52
C GLU A 454 -3.29 -14.14 25.85
N MET A 455 -2.16 -14.84 25.88
CA MET A 455 -1.31 -14.98 27.06
C MET A 455 0.08 -14.33 27.04
N THR A 456 0.33 -13.32 27.89
CA THR A 456 1.67 -12.73 27.91
C THR A 456 2.60 -13.80 28.46
N VAL A 457 3.85 -13.86 28.02
CA VAL A 457 4.75 -14.91 28.50
C VAL A 457 6.15 -14.38 28.88
N PHE A 458 6.22 -13.06 29.07
CA PHE A 458 7.47 -12.43 29.44
C PHE A 458 7.18 -11.25 30.35
N ARG A 459 7.96 -11.13 31.42
CA ARG A 459 7.79 -10.03 32.37
C ARG A 459 7.71 -8.74 31.57
N GLU A 460 8.67 -8.53 30.70
CA GLU A 460 8.70 -7.34 29.89
C GLU A 460 8.40 -7.68 28.43
N PRO A 461 7.91 -6.70 27.66
CA PRO A 461 7.59 -6.92 26.25
C PRO A 461 8.87 -7.09 25.39
N THR A 462 8.86 -8.04 24.47
CA THR A 462 9.97 -8.27 23.53
C THR A 462 9.44 -8.99 22.31
N THR A 463 10.34 -9.42 21.44
CA THR A 463 9.90 -10.11 20.25
C THR A 463 10.08 -11.61 20.35
N ILE A 464 8.97 -12.32 20.17
CA ILE A 464 9.02 -13.76 20.20
C ILE A 464 9.65 -14.06 18.85
N SER A 465 10.76 -14.80 18.87
CA SER A 465 11.49 -15.13 17.66
C SER A 465 11.64 -16.61 17.39
N ALA A 466 11.20 -17.45 18.32
CA ALA A 466 11.29 -18.90 18.13
C ALA A 466 10.07 -19.54 18.75
N MET A 467 9.56 -20.60 18.15
CA MET A 467 8.38 -21.21 18.69
C MET A 467 8.37 -22.67 18.28
N GLU A 468 8.43 -23.57 19.28
CA GLU A 468 8.41 -25.02 19.06
C GLU A 468 7.21 -25.64 19.80
N LEU A 469 6.81 -26.83 19.36
CA LEU A 469 5.66 -27.54 19.91
C LEU A 469 6.04 -29.00 20.15
N SER A 470 5.86 -29.47 21.37
CA SER A 470 6.17 -30.86 21.72
C SER A 470 4.89 -31.59 22.06
N THR A 471 4.46 -32.48 21.17
CA THR A 471 3.23 -33.22 21.41
C THR A 471 3.43 -34.30 22.48
N LYS A 472 4.61 -34.93 22.46
CA LYS A 472 4.93 -35.95 23.44
C LYS A 472 5.11 -35.36 24.84
N GLN A 473 4.85 -34.05 24.97
CA GLN A 473 4.98 -33.39 26.27
C GLN A 473 3.89 -32.33 26.40
N GLN A 474 3.10 -32.17 25.33
CA GLN A 474 2.01 -31.19 25.30
C GLN A 474 2.40 -29.83 25.87
N GLN A 475 3.49 -29.27 25.37
CA GLN A 475 3.99 -27.97 25.84
C GLN A 475 4.43 -27.13 24.66
N LEU A 476 4.54 -25.83 24.87
CA LEU A 476 4.96 -24.91 23.81
C LEU A 476 6.13 -24.08 24.34
N TYR A 477 7.19 -23.93 23.56
CA TYR A 477 8.35 -23.14 23.99
C TYR A 477 8.53 -21.92 23.09
N ILE A 478 8.76 -20.76 23.70
CA ILE A 478 8.92 -19.50 22.98
C ILE A 478 10.32 -18.90 23.12
N GLY A 479 10.90 -18.42 22.01
CA GLY A 479 12.23 -17.81 22.03
C GLY A 479 12.23 -16.28 21.93
N SER A 480 13.29 -15.63 22.41
CA SER A 480 13.43 -14.15 22.39
C SER A 480 14.81 -13.73 22.90
N THR A 481 15.19 -12.45 22.85
CA THR A 481 16.51 -12.13 23.42
C THR A 481 16.44 -12.09 24.94
N ALA A 482 15.24 -11.91 25.49
CA ALA A 482 15.07 -11.88 26.94
C ALA A 482 15.33 -13.26 27.54
N GLY A 483 14.82 -14.30 26.86
CA GLY A 483 15.00 -15.68 27.31
C GLY A 483 13.97 -16.66 26.76
N VAL A 484 13.95 -17.89 27.27
CA VAL A 484 13.00 -18.91 26.81
C VAL A 484 11.79 -18.98 27.75
N ALA A 485 10.66 -19.47 27.25
CA ALA A 485 9.46 -19.57 28.06
C ALA A 485 8.68 -20.85 27.78
N GLN A 486 8.38 -21.61 28.82
CA GLN A 486 7.63 -22.84 28.65
C GLN A 486 6.19 -22.52 28.94
N LEU A 487 5.28 -23.27 28.32
CA LEU A 487 3.86 -23.01 28.49
C LEU A 487 3.06 -24.22 28.00
N PRO A 488 1.96 -24.55 28.70
CA PRO A 488 1.09 -25.69 28.35
C PRO A 488 0.13 -25.32 27.22
N LEU A 489 -0.14 -26.28 26.34
CA LEU A 489 -1.00 -26.01 25.20
C LEU A 489 -2.44 -25.66 25.58
N HIS A 490 -2.88 -26.04 26.77
CA HIS A 490 -4.27 -25.78 27.13
C HIS A 490 -4.59 -25.19 28.50
N ARG A 491 -4.50 -26.01 29.53
CA ARG A 491 -4.83 -25.57 30.87
C ARG A 491 -6.29 -25.13 30.89
N CYS A 492 -7.15 -26.14 30.73
CA CYS A 492 -8.61 -26.01 30.69
C CYS A 492 -9.22 -25.62 32.04
N ASP A 493 -8.38 -25.59 33.08
CA ASP A 493 -8.83 -25.21 34.41
C ASP A 493 -9.27 -23.75 34.42
N ILE A 494 -8.39 -22.90 33.90
CA ILE A 494 -8.64 -21.47 33.84
C ILE A 494 -9.96 -21.10 33.16
N TYR A 495 -10.43 -21.94 32.24
CA TYR A 495 -11.69 -21.70 31.54
C TYR A 495 -12.87 -21.74 32.51
N LYS B 1 0.93 17.07 20.84
CA LYS B 1 1.34 15.63 20.78
C LYS B 1 0.12 14.72 20.95
N ASN B 2 -1.05 15.33 21.11
CA ASN B 2 -2.32 14.60 21.29
C ASN B 2 -3.10 14.50 19.96
N ASN B 3 -4.12 13.64 19.95
CA ASN B 3 -4.98 13.45 18.78
C ASN B 3 -6.45 13.65 19.19
N VAL B 4 -6.65 14.15 20.41
CA VAL B 4 -7.98 14.41 20.96
C VAL B 4 -8.35 15.88 20.82
N PRO B 5 -9.56 16.16 20.33
CA PRO B 5 -9.99 17.55 20.17
C PRO B 5 -10.07 18.25 21.52
N ARG B 6 -9.44 19.41 21.61
CA ARG B 6 -9.45 20.16 22.84
C ARG B 6 -10.84 20.77 23.06
N LEU B 7 -11.71 20.68 22.05
CA LEU B 7 -13.07 21.21 22.13
C LEU B 7 -14.02 20.39 21.24
N LYS B 8 -14.66 19.38 21.82
CA LYS B 8 -15.58 18.53 21.07
C LYS B 8 -17.02 18.97 21.30
N LEU B 9 -17.82 18.95 20.22
CA LEU B 9 -19.23 19.35 20.29
C LEU B 9 -20.08 18.52 19.32
N SER B 10 -21.35 18.34 19.68
CA SER B 10 -22.28 17.58 18.83
C SER B 10 -23.31 18.54 18.27
N TYR B 11 -24.09 18.07 17.28
CA TYR B 11 -25.13 18.89 16.66
C TYR B 11 -25.99 19.50 17.78
N LYS B 12 -26.23 18.67 18.81
CA LYS B 12 -27.00 19.04 20.00
C LYS B 12 -26.41 20.28 20.67
N GLU B 13 -25.19 20.13 21.21
CA GLU B 13 -24.51 21.23 21.88
C GLU B 13 -24.38 22.43 20.95
N MET B 14 -24.01 22.17 19.69
CA MET B 14 -23.88 23.22 18.69
C MET B 14 -25.19 24.01 18.63
N LEU B 15 -26.31 23.30 18.61
CA LEU B 15 -27.61 23.96 18.56
C LEU B 15 -27.94 24.74 19.84
N GLU B 16 -27.32 24.35 20.96
CA GLU B 16 -27.54 25.00 22.25
C GLU B 16 -26.43 25.99 22.59
N SER B 17 -25.82 26.55 21.54
CA SER B 17 -24.74 27.51 21.71
C SER B 17 -24.69 28.52 20.56
N ASN B 18 -25.69 28.47 19.69
CA ASN B 18 -25.75 29.39 18.55
C ASN B 18 -24.53 29.22 17.64
N ASN B 19 -24.27 27.99 17.21
CA ASN B 19 -23.14 27.71 16.34
C ASN B 19 -23.53 26.90 15.12
N VAL B 20 -24.85 26.78 14.88
CA VAL B 20 -25.35 26.02 13.75
C VAL B 20 -26.71 26.49 13.25
N ILE B 21 -26.78 26.83 11.97
CA ILE B 21 -28.01 27.27 11.35
C ILE B 21 -28.31 26.22 10.29
N THR B 22 -29.12 25.23 10.65
CA THR B 22 -29.43 24.14 9.73
C THR B 22 -30.63 24.36 8.82
N PHE B 23 -30.44 24.02 7.55
CA PHE B 23 -31.47 24.09 6.52
C PHE B 23 -31.67 22.61 6.19
N ASN B 24 -32.80 22.04 6.63
CA ASN B 24 -33.07 20.62 6.43
C ASN B 24 -33.53 20.22 5.04
N GLY B 25 -33.66 21.20 4.15
CA GLY B 25 -34.07 20.93 2.78
C GLY B 25 -35.49 20.42 2.58
N LEU B 26 -36.08 20.76 1.45
CA LEU B 26 -37.44 20.36 1.10
C LEU B 26 -37.61 18.85 1.07
N ALA B 27 -38.83 18.40 1.34
CA ALA B 27 -39.13 16.96 1.35
C ALA B 27 -39.03 16.35 -0.04
N ASN B 28 -39.18 17.19 -1.06
CA ASN B 28 -39.10 16.77 -2.47
C ASN B 28 -37.79 17.18 -3.13
N SER B 29 -36.68 16.94 -2.43
CA SER B 29 -35.35 17.28 -2.95
C SER B 29 -34.23 16.64 -2.13
N SER B 30 -33.01 16.80 -2.61
CA SER B 30 -31.83 16.24 -1.95
C SER B 30 -30.58 16.57 -2.75
N SER B 31 -29.45 16.00 -2.31
CA SER B 31 -28.20 16.22 -3.02
C SER B 31 -27.86 17.72 -3.14
N TYR B 32 -27.68 18.39 -2.00
CA TYR B 32 -27.34 19.83 -1.99
C TYR B 32 -25.82 19.95 -2.07
N HIS B 33 -25.26 19.33 -3.10
CA HIS B 33 -23.82 19.30 -3.30
C HIS B 33 -23.13 20.46 -4.05
N THR B 34 -23.84 21.09 -4.98
CA THR B 34 -23.25 22.16 -5.77
C THR B 34 -23.27 23.55 -5.10
N PHE B 35 -22.11 24.04 -4.68
CA PHE B 35 -22.06 25.36 -4.03
C PHE B 35 -21.39 26.43 -4.88
N LEU B 36 -22.01 27.61 -4.90
CA LEU B 36 -21.50 28.76 -5.64
C LEU B 36 -21.56 29.92 -4.65
N LEU B 37 -20.43 30.19 -4.00
CA LEU B 37 -20.35 31.28 -3.02
C LEU B 37 -20.27 32.60 -3.81
N ASP B 38 -20.97 33.61 -3.30
CA ASP B 38 -21.01 34.94 -3.93
C ASP B 38 -20.94 36.03 -2.85
N GLU B 39 -19.72 36.38 -2.45
CA GLU B 39 -19.51 37.42 -1.43
C GLU B 39 -20.22 38.73 -1.76
N GLU B 40 -20.00 39.20 -2.99
CA GLU B 40 -20.58 40.46 -3.49
C GLU B 40 -22.11 40.50 -3.34
N ARG B 41 -22.79 39.49 -3.90
CA ARG B 41 -24.24 39.40 -3.82
C ARG B 41 -24.65 38.89 -2.42
N SER B 42 -23.63 38.66 -1.58
CA SER B 42 -23.80 38.19 -0.20
C SER B 42 -24.78 37.01 -0.08
N ARG B 43 -24.82 36.18 -1.12
CA ARG B 43 -25.68 35.00 -1.14
C ARG B 43 -24.84 33.76 -1.37
N LEU B 44 -25.39 32.61 -0.98
CA LEU B 44 -24.73 31.33 -1.14
C LEU B 44 -25.63 30.37 -1.92
N TYR B 45 -25.36 30.24 -3.22
CA TYR B 45 -26.15 29.39 -4.11
C TYR B 45 -25.84 27.91 -3.95
N VAL B 46 -26.89 27.09 -3.94
CA VAL B 46 -26.75 25.65 -3.79
C VAL B 46 -27.67 24.91 -4.72
N GLY B 47 -27.13 24.36 -5.81
CA GLY B 47 -27.95 23.61 -6.75
C GLY B 47 -28.09 22.19 -6.26
N ALA B 48 -29.34 21.72 -6.17
CA ALA B 48 -29.65 20.37 -5.69
C ALA B 48 -30.57 19.60 -6.63
N LYS B 49 -31.32 18.65 -6.05
CA LYS B 49 -32.25 17.81 -6.80
C LYS B 49 -33.54 18.54 -7.12
N ASP B 50 -33.83 18.65 -8.41
CA ASP B 50 -35.02 19.34 -8.91
C ASP B 50 -35.08 20.80 -8.50
N HIS B 51 -34.06 21.27 -7.77
CA HIS B 51 -34.06 22.65 -7.31
C HIS B 51 -32.69 23.34 -7.31
N ILE B 52 -32.72 24.67 -7.14
CA ILE B 52 -31.53 25.50 -7.06
C ILE B 52 -31.87 26.55 -6.00
N PHE B 53 -31.01 26.72 -5.02
CA PHE B 53 -31.28 27.67 -3.95
C PHE B 53 -30.37 28.88 -3.91
N SER B 54 -30.88 29.95 -3.30
CA SER B 54 -30.14 31.19 -3.14
C SER B 54 -30.25 31.58 -1.68
N PHE B 55 -29.34 31.05 -0.87
CA PHE B 55 -29.35 31.33 0.57
C PHE B 55 -28.73 32.66 0.93
N ASN B 56 -29.18 33.21 2.04
CA ASN B 56 -28.64 34.47 2.55
C ASN B 56 -27.47 34.04 3.46
N LEU B 57 -26.23 34.29 3.03
CA LEU B 57 -25.09 33.86 3.84
C LEU B 57 -24.76 34.68 5.08
N VAL B 58 -25.79 34.90 5.90
CA VAL B 58 -25.73 35.64 7.16
C VAL B 58 -26.63 34.86 8.11
N ASN B 59 -27.54 34.12 7.48
CA ASN B 59 -28.53 33.27 8.13
C ASN B 59 -29.26 32.52 7.00
N ILE B 60 -28.77 31.33 6.67
CA ILE B 60 -29.34 30.52 5.59
C ILE B 60 -30.78 30.03 5.79
N LYS B 61 -31.53 30.65 6.70
CA LYS B 61 -32.92 30.27 6.90
C LYS B 61 -33.75 31.14 5.95
N ASP B 62 -33.15 32.26 5.53
CA ASP B 62 -33.76 33.20 4.59
C ASP B 62 -33.19 32.86 3.22
N PHE B 63 -34.08 32.68 2.23
CA PHE B 63 -33.63 32.31 0.89
C PHE B 63 -34.71 32.34 -0.20
N GLN B 64 -34.35 31.75 -1.34
CA GLN B 64 -35.22 31.65 -2.51
C GLN B 64 -34.93 30.29 -3.17
N LYS B 65 -35.93 29.71 -3.82
CA LYS B 65 -35.74 28.41 -4.46
C LYS B 65 -36.36 28.34 -5.85
N ILE B 66 -35.53 28.04 -6.85
CA ILE B 66 -36.00 27.92 -8.23
C ILE B 66 -36.33 26.47 -8.54
N VAL B 67 -37.60 26.09 -8.45
CA VAL B 67 -37.98 24.71 -8.73
C VAL B 67 -37.71 24.39 -10.19
N TRP B 68 -36.64 23.64 -10.46
CA TRP B 68 -36.33 23.33 -11.84
C TRP B 68 -36.30 21.82 -12.15
N PRO B 69 -37.48 21.19 -12.14
CA PRO B 69 -37.59 19.74 -12.42
C PRO B 69 -37.60 19.55 -13.93
N VAL B 70 -37.95 18.35 -14.37
CA VAL B 70 -37.98 18.05 -15.79
C VAL B 70 -39.38 17.66 -16.28
N SER B 71 -39.62 17.82 -17.59
CA SER B 71 -40.91 17.51 -18.19
C SER B 71 -41.37 16.06 -18.01
N TYR B 72 -42.69 15.89 -17.89
CA TYR B 72 -43.32 14.58 -17.73
C TYR B 72 -42.77 13.65 -18.80
N THR B 73 -42.69 14.18 -20.02
CA THR B 73 -42.17 13.41 -21.13
C THR B 73 -40.76 12.94 -20.79
N ARG B 74 -39.89 13.87 -20.42
CA ARG B 74 -38.50 13.50 -20.09
C ARG B 74 -38.44 12.42 -19.00
N ARG B 75 -39.24 12.60 -17.95
CA ARG B 75 -39.31 11.64 -16.85
C ARG B 75 -39.57 10.23 -17.36
N ASP B 76 -40.59 10.11 -18.22
CA ASP B 76 -40.97 8.84 -18.83
C ASP B 76 -39.83 8.25 -19.65
N GLU B 77 -39.20 9.10 -20.45
CA GLU B 77 -38.07 8.66 -21.29
C GLU B 77 -37.00 8.03 -20.39
N CYS B 78 -36.74 8.66 -19.24
CA CYS B 78 -35.75 8.14 -18.29
C CYS B 78 -36.24 6.82 -17.70
N LYS B 79 -37.56 6.75 -17.46
CA LYS B 79 -38.19 5.55 -16.91
C LYS B 79 -37.96 4.39 -17.88
N TRP B 80 -38.36 4.60 -19.14
CA TRP B 80 -38.20 3.58 -20.19
C TRP B 80 -36.76 3.08 -20.31
N ALA B 81 -35.80 3.88 -19.84
CA ALA B 81 -34.39 3.52 -19.90
C ALA B 81 -34.05 2.49 -18.82
N GLY B 82 -35.06 2.13 -18.03
CA GLY B 82 -34.84 1.16 -16.96
C GLY B 82 -34.02 1.70 -15.80
N LYS B 83 -34.19 2.99 -15.52
CA LYS B 83 -33.46 3.65 -14.45
C LYS B 83 -34.33 3.80 -13.20
N ASP B 84 -33.69 4.27 -12.13
CA ASP B 84 -34.34 4.49 -10.85
C ASP B 84 -35.22 5.74 -10.88
N ILE B 85 -36.52 5.53 -10.86
CA ILE B 85 -37.47 6.64 -10.90
C ILE B 85 -37.17 7.75 -9.90
N LEU B 86 -36.88 7.41 -8.65
CA LEU B 86 -36.60 8.43 -7.63
C LEU B 86 -35.15 8.85 -7.45
N LYS B 87 -34.25 7.87 -7.52
CA LYS B 87 -32.82 8.13 -7.35
C LYS B 87 -32.14 8.68 -8.60
N GLU B 88 -32.62 8.29 -9.77
CA GLU B 88 -32.01 8.72 -11.02
C GLU B 88 -32.83 9.65 -11.93
N CYS B 89 -34.10 9.35 -12.14
CA CYS B 89 -34.93 10.17 -13.02
C CYS B 89 -35.37 11.51 -12.44
N ALA B 90 -34.38 12.37 -12.22
CA ALA B 90 -34.63 13.70 -11.67
C ALA B 90 -33.55 14.64 -12.19
N ASN B 91 -33.75 15.93 -12.00
CA ASN B 91 -32.76 16.90 -12.48
C ASN B 91 -31.79 17.33 -11.38
N PHE B 92 -30.71 16.57 -11.20
CA PHE B 92 -29.73 16.91 -10.17
C PHE B 92 -28.75 17.97 -10.68
N ILE B 93 -28.86 19.19 -10.17
CA ILE B 93 -27.96 20.26 -10.59
C ILE B 93 -26.53 19.90 -10.22
N LYS B 94 -25.67 19.84 -11.21
CA LYS B 94 -24.26 19.49 -11.01
C LYS B 94 -23.31 20.65 -11.29
N VAL B 95 -23.79 21.65 -12.04
CA VAL B 95 -22.95 22.80 -12.38
C VAL B 95 -23.64 24.11 -12.02
N LEU B 96 -22.88 25.04 -11.50
CA LEU B 96 -23.46 26.30 -11.13
C LEU B 96 -22.33 27.27 -10.96
N GLU B 97 -22.12 28.06 -12.01
CA GLU B 97 -21.05 29.05 -12.04
C GLU B 97 -21.58 30.40 -12.52
N ALA B 98 -20.73 31.42 -12.51
CA ALA B 98 -21.14 32.76 -12.97
C ALA B 98 -20.93 32.90 -14.48
N TYR B 99 -21.74 33.76 -15.11
CA TYR B 99 -21.64 34.02 -16.55
C TYR B 99 -21.70 35.52 -16.79
N ASN B 100 -22.85 36.02 -17.25
CA ASN B 100 -23.04 37.45 -17.50
C ASN B 100 -22.88 38.20 -16.17
N GLN B 101 -22.96 39.52 -16.21
CA GLN B 101 -22.82 40.31 -14.97
C GLN B 101 -24.20 40.29 -14.29
N THR B 102 -25.15 39.63 -14.93
CA THR B 102 -26.51 39.54 -14.43
C THR B 102 -27.12 38.14 -14.49
N HIS B 103 -26.34 37.17 -14.95
CA HIS B 103 -26.85 35.80 -15.05
C HIS B 103 -25.85 34.73 -14.64
N LEU B 104 -26.37 33.62 -14.11
CA LEU B 104 -25.56 32.48 -13.71
C LEU B 104 -25.76 31.38 -14.73
N TYR B 105 -24.79 30.47 -14.81
CA TYR B 105 -24.93 29.35 -15.73
C TYR B 105 -25.11 28.11 -14.89
N ALA B 106 -26.16 27.35 -15.18
CA ALA B 106 -26.47 26.16 -14.43
C ALA B 106 -26.70 24.97 -15.33
N CYS B 107 -26.14 23.83 -14.93
CA CYS B 107 -26.31 22.58 -15.69
C CYS B 107 -26.66 21.48 -14.69
N GLY B 108 -27.34 20.45 -15.17
CA GLY B 108 -27.73 19.33 -14.33
C GLY B 108 -28.16 18.13 -15.14
N THR B 109 -28.36 17.00 -14.48
CA THR B 109 -28.79 15.78 -15.16
C THR B 109 -30.29 15.95 -15.38
N GLY B 110 -30.74 16.03 -16.62
CA GLY B 110 -32.16 16.18 -16.88
C GLY B 110 -32.68 14.76 -17.04
N ALA B 111 -32.55 13.98 -15.97
CA ALA B 111 -32.95 12.58 -15.96
C ALA B 111 -32.26 11.91 -17.15
N PHE B 112 -30.96 11.67 -16.99
CA PHE B 112 -30.14 11.06 -18.03
C PHE B 112 -30.36 11.74 -19.37
N HIS B 113 -30.29 13.06 -19.33
CA HIS B 113 -30.44 13.90 -20.51
C HIS B 113 -30.02 15.31 -20.06
N PRO B 114 -28.72 15.49 -19.83
CA PRO B 114 -28.14 16.76 -19.39
C PRO B 114 -28.69 18.00 -20.10
N ILE B 115 -29.17 18.95 -19.31
CA ILE B 115 -29.67 20.20 -19.84
C ILE B 115 -29.15 21.32 -18.98
N CYS B 116 -28.98 22.49 -19.60
CA CYS B 116 -28.49 23.68 -18.90
C CYS B 116 -29.33 24.87 -19.27
N THR B 117 -29.16 25.95 -18.52
CA THR B 117 -29.88 27.19 -18.80
C THR B 117 -29.22 28.34 -18.03
N TYR B 118 -29.91 29.47 -17.94
CA TYR B 118 -29.36 30.61 -17.22
C TYR B 118 -30.26 30.96 -16.05
N ILE B 119 -29.67 31.64 -15.06
CA ILE B 119 -30.38 32.06 -13.86
C ILE B 119 -30.12 33.54 -13.69
N GLU B 120 -31.08 34.36 -14.12
CA GLU B 120 -30.90 35.80 -14.00
C GLU B 120 -30.87 36.22 -12.54
N VAL B 121 -29.78 36.88 -12.16
CA VAL B 121 -29.60 37.37 -10.80
C VAL B 121 -29.67 38.89 -10.82
N GLY B 122 -29.44 39.47 -12.00
CA GLY B 122 -29.51 40.91 -12.16
C GLY B 122 -28.22 41.69 -11.99
N HIS B 123 -28.33 43.01 -12.19
CA HIS B 123 -27.21 43.94 -12.07
C HIS B 123 -26.95 44.23 -10.59
N HIS B 124 -27.97 44.81 -9.95
CA HIS B 124 -27.93 45.20 -8.53
C HIS B 124 -28.35 44.07 -7.57
N PRO B 125 -27.51 43.77 -6.56
CA PRO B 125 -27.80 42.72 -5.58
C PRO B 125 -28.86 43.19 -4.59
N GLU B 126 -29.04 44.51 -4.52
CA GLU B 126 -30.02 45.14 -3.63
C GLU B 126 -31.36 44.43 -3.79
N ASP B 127 -31.77 44.25 -5.04
CA ASP B 127 -33.01 43.58 -5.37
C ASP B 127 -32.71 42.12 -5.74
N ASN B 128 -32.70 41.26 -4.72
CA ASN B 128 -32.43 39.83 -4.87
C ASN B 128 -33.29 39.15 -5.94
N ILE B 129 -32.78 39.14 -7.18
CA ILE B 129 -33.47 38.51 -8.30
C ILE B 129 -32.97 37.09 -8.47
N PHE B 130 -33.88 36.12 -8.37
CA PHE B 130 -33.52 34.72 -8.52
C PHE B 130 -34.47 34.10 -9.55
N LYS B 131 -34.44 34.64 -10.76
CA LYS B 131 -35.31 34.18 -11.83
C LYS B 131 -34.62 33.18 -12.74
N LEU B 132 -35.37 32.14 -13.11
CA LEU B 132 -34.85 31.10 -13.98
C LEU B 132 -35.31 31.36 -15.41
N GLN B 133 -34.38 31.40 -16.37
CA GLN B 133 -34.73 31.63 -17.76
C GLN B 133 -35.10 30.31 -18.46
N ASP B 134 -36.39 29.98 -18.41
CA ASP B 134 -36.95 28.76 -18.98
C ASP B 134 -37.03 28.84 -20.51
N SER B 135 -37.59 27.81 -21.13
CA SER B 135 -37.78 27.71 -22.58
C SER B 135 -36.52 27.61 -23.44
N HIS B 136 -35.38 28.03 -22.89
CA HIS B 136 -34.12 28.00 -23.63
C HIS B 136 -33.55 26.58 -23.64
N PHE B 137 -32.92 26.20 -22.53
CA PHE B 137 -32.32 24.87 -22.38
C PHE B 137 -31.28 24.51 -23.44
N GLU B 138 -30.03 24.49 -23.01
CA GLU B 138 -28.91 24.16 -23.89
C GLU B 138 -28.44 22.74 -23.64
N ASN B 139 -27.66 22.20 -24.58
CA ASN B 139 -27.15 20.85 -24.46
C ASN B 139 -26.27 20.73 -23.22
N GLY B 140 -26.55 19.74 -22.39
CA GLY B 140 -25.76 19.53 -21.18
C GLY B 140 -24.59 18.59 -21.34
N ARG B 141 -24.55 17.82 -22.43
CA ARG B 141 -23.48 16.87 -22.69
C ARG B 141 -22.10 17.52 -22.51
N GLY B 142 -21.26 16.86 -21.72
CA GLY B 142 -19.91 17.34 -21.47
C GLY B 142 -19.82 18.39 -20.38
N LYS B 143 -20.97 18.81 -19.85
CA LYS B 143 -21.04 19.83 -18.81
C LYS B 143 -21.54 19.24 -17.48
N SER B 144 -22.58 18.45 -17.57
CA SER B 144 -23.14 17.76 -16.43
C SER B 144 -23.23 16.30 -16.87
N PRO B 145 -22.83 15.37 -15.99
CA PRO B 145 -22.89 13.94 -16.33
C PRO B 145 -24.33 13.44 -16.45
N TYR B 146 -24.50 12.23 -16.95
CA TYR B 146 -25.84 11.64 -17.08
C TYR B 146 -26.24 11.05 -15.72
N ASP B 147 -25.28 10.38 -15.11
CA ASP B 147 -25.43 9.71 -13.81
C ASP B 147 -25.21 10.67 -12.63
N PRO B 148 -26.17 10.75 -11.70
CA PRO B 148 -26.01 11.64 -10.55
C PRO B 148 -24.87 11.24 -9.62
N LYS B 149 -24.43 9.99 -9.69
CA LYS B 149 -23.33 9.49 -8.85
C LYS B 149 -21.96 10.11 -9.20
N LEU B 150 -21.83 10.57 -10.46
CA LEU B 150 -20.59 11.18 -10.97
C LEU B 150 -20.62 12.69 -10.70
N LEU B 151 -19.48 13.28 -10.40
CA LEU B 151 -19.44 14.73 -10.15
C LEU B 151 -18.86 15.48 -11.34
N THR B 152 -18.64 16.77 -11.15
CA THR B 152 -18.13 17.58 -12.24
C THR B 152 -17.24 18.67 -11.67
N ALA B 153 -16.07 18.82 -12.26
CA ALA B 153 -15.13 19.87 -11.86
C ALA B 153 -15.40 20.95 -12.88
N SER B 154 -16.08 22.00 -12.45
CA SER B 154 -16.41 23.07 -13.38
C SER B 154 -15.63 24.35 -13.11
N LEU B 155 -15.40 25.11 -14.17
CA LEU B 155 -14.71 26.40 -14.10
C LEU B 155 -15.22 27.24 -15.26
N LEU B 156 -15.94 28.32 -14.94
CA LEU B 156 -16.47 29.20 -15.99
C LEU B 156 -15.82 30.58 -15.94
N ILE B 157 -14.96 30.84 -16.91
CA ILE B 157 -14.24 32.12 -17.03
C ILE B 157 -14.33 32.78 -18.41
N ASP B 158 -14.41 34.11 -18.37
CA ASP B 158 -14.51 34.94 -19.57
C ASP B 158 -15.60 34.49 -20.52
N GLY B 159 -16.65 33.88 -19.97
CA GLY B 159 -17.75 33.44 -20.80
C GLY B 159 -17.63 32.04 -21.39
N GLU B 160 -16.59 31.29 -21.01
CA GLU B 160 -16.41 29.93 -21.48
C GLU B 160 -16.45 28.93 -20.31
N LEU B 161 -17.07 27.76 -20.55
CA LEU B 161 -17.20 26.73 -19.52
C LEU B 161 -16.14 25.62 -19.65
N TYR B 162 -15.48 25.30 -18.54
CA TYR B 162 -14.47 24.24 -18.51
C TYR B 162 -15.02 23.15 -17.57
N SER B 163 -15.19 21.95 -18.07
CA SER B 163 -15.73 20.91 -17.23
C SER B 163 -15.27 19.51 -17.57
N GLY B 164 -14.83 18.79 -16.53
CA GLY B 164 -14.37 17.42 -16.68
C GLY B 164 -15.35 16.47 -16.03
N THR B 165 -15.92 15.57 -16.82
CA THR B 165 -16.91 14.60 -16.33
C THR B 165 -17.12 13.52 -17.37
N ALA B 166 -18.15 12.71 -17.20
CA ALA B 166 -18.42 11.70 -18.20
C ALA B 166 -19.39 12.38 -19.14
N ALA B 167 -19.07 12.34 -20.43
CA ALA B 167 -19.92 13.01 -21.43
C ALA B 167 -21.06 12.17 -22.00
N ASP B 168 -20.90 10.84 -22.02
CA ASP B 168 -21.93 9.96 -22.58
C ASP B 168 -22.98 9.47 -21.59
N PHE B 169 -24.01 8.81 -22.13
CA PHE B 169 -25.14 8.21 -21.42
C PHE B 169 -24.60 7.03 -20.61
N MET B 170 -23.80 6.21 -21.29
CA MET B 170 -23.17 5.04 -20.70
C MET B 170 -22.23 5.45 -19.55
N GLY B 171 -21.94 6.75 -19.46
CA GLY B 171 -21.04 7.23 -18.42
C GLY B 171 -19.65 6.62 -18.42
N ARG B 172 -19.07 6.38 -19.60
CA ARG B 172 -17.72 5.81 -19.69
C ARG B 172 -16.80 6.58 -20.65
N ASP B 173 -17.25 7.74 -21.08
CA ASP B 173 -16.48 8.61 -21.99
C ASP B 173 -16.15 9.89 -21.25
N PHE B 174 -15.28 9.74 -20.24
CA PHE B 174 -14.88 10.89 -19.44
C PHE B 174 -13.94 11.79 -20.22
N ALA B 175 -14.16 13.09 -20.13
CA ALA B 175 -13.33 14.04 -20.85
C ALA B 175 -13.41 15.45 -20.27
N ILE B 176 -12.35 16.23 -20.50
CA ILE B 176 -12.31 17.62 -20.07
C ILE B 176 -12.83 18.44 -21.24
N PHE B 177 -13.92 19.17 -21.02
CA PHE B 177 -14.56 19.98 -22.06
C PHE B 177 -14.41 21.48 -21.87
N ARG B 178 -14.63 22.22 -22.96
CA ARG B 178 -14.62 23.68 -22.97
C ARG B 178 -15.80 24.08 -23.86
N THR B 179 -16.95 24.34 -23.24
CA THR B 179 -18.16 24.72 -23.95
C THR B 179 -18.44 26.22 -23.87
N LEU B 180 -19.53 26.65 -24.51
CA LEU B 180 -19.96 28.05 -24.57
C LEU B 180 -18.94 28.86 -25.38
N GLY B 181 -19.07 30.18 -25.35
CA GLY B 181 -18.15 31.04 -26.08
C GLY B 181 -18.36 31.10 -27.59
N HIS B 182 -17.33 31.58 -28.27
CA HIS B 182 -17.37 31.74 -29.72
C HIS B 182 -17.00 30.49 -30.50
N HIS B 183 -15.81 29.97 -30.25
CA HIS B 183 -15.32 28.79 -30.97
C HIS B 183 -16.10 27.52 -30.71
N HIS B 184 -15.82 26.50 -31.52
CA HIS B 184 -16.44 25.19 -31.40
C HIS B 184 -15.89 24.59 -30.09
N PRO B 185 -16.78 24.00 -29.26
CA PRO B 185 -16.36 23.40 -28.01
C PRO B 185 -15.13 22.51 -28.14
N ILE B 186 -14.19 22.63 -27.19
CA ILE B 186 -12.94 21.86 -27.18
C ILE B 186 -13.07 20.62 -26.29
N ARG B 187 -12.43 19.54 -26.71
CA ARG B 187 -12.52 18.27 -25.99
C ARG B 187 -11.18 17.51 -25.95
N THR B 188 -11.10 16.52 -25.06
CA THR B 188 -9.91 15.68 -24.94
C THR B 188 -10.16 14.45 -25.81
N GLU B 189 -9.10 13.78 -26.24
CA GLU B 189 -9.26 12.59 -27.07
C GLU B 189 -10.18 11.58 -26.38
N GLN B 190 -11.14 11.02 -27.09
CA GLN B 190 -12.03 10.06 -26.46
C GLN B 190 -11.53 8.64 -26.70
N HIS B 191 -11.80 7.77 -25.73
CA HIS B 191 -11.39 6.37 -25.79
C HIS B 191 -9.88 6.21 -25.90
N ASP B 192 -9.14 7.01 -25.12
CA ASP B 192 -7.68 6.93 -25.12
C ASP B 192 -7.14 6.85 -23.68
N SER B 193 -6.80 5.63 -23.28
CA SER B 193 -6.28 5.35 -21.95
C SER B 193 -5.15 6.29 -21.48
N ARG B 194 -4.20 6.59 -22.35
CA ARG B 194 -3.10 7.47 -21.97
C ARG B 194 -3.56 8.90 -21.62
N TRP B 195 -4.74 9.31 -22.07
CA TRP B 195 -5.18 10.65 -21.75
C TRP B 195 -5.93 10.66 -20.42
N LEU B 196 -6.96 9.83 -20.38
CA LEU B 196 -7.82 9.64 -19.22
C LEU B 196 -8.21 8.16 -19.12
N ASN B 197 -8.11 7.62 -17.91
CA ASN B 197 -8.43 6.21 -17.65
C ASN B 197 -9.47 6.09 -16.53
N ASP B 198 -10.75 6.16 -16.88
CA ASP B 198 -11.83 6.05 -15.90
C ASP B 198 -11.53 6.98 -14.70
N PRO B 199 -11.39 8.29 -14.96
CA PRO B 199 -11.09 9.26 -13.91
C PRO B 199 -12.36 9.70 -13.18
N ARG B 200 -12.16 10.60 -12.20
CA ARG B 200 -13.24 11.17 -11.40
C ARG B 200 -12.68 12.54 -11.09
N PHE B 201 -13.38 13.58 -11.51
CA PHE B 201 -12.89 14.93 -11.30
C PHE B 201 -13.16 15.52 -9.94
N ILE B 202 -12.35 16.50 -9.55
CA ILE B 202 -12.48 17.13 -8.24
C ILE B 202 -12.65 18.62 -8.38
N SER B 203 -11.76 19.25 -9.14
CA SER B 203 -11.84 20.72 -9.37
C SER B 203 -10.97 21.25 -10.52
N ALA B 204 -11.20 22.52 -10.87
CA ALA B 204 -10.46 23.19 -11.94
C ALA B 204 -10.18 24.64 -11.55
N HIS B 205 -8.94 25.10 -11.74
CA HIS B 205 -8.59 26.45 -11.35
C HIS B 205 -7.87 27.23 -12.44
N LEU B 206 -8.14 28.53 -12.49
CA LEU B 206 -7.50 29.41 -13.46
C LEU B 206 -6.28 29.97 -12.74
N ILE B 207 -5.11 29.46 -13.08
CA ILE B 207 -3.88 29.91 -12.43
C ILE B 207 -3.01 30.64 -13.44
N PRO B 208 -2.75 31.94 -13.19
CA PRO B 208 -1.92 32.74 -14.08
C PRO B 208 -0.44 32.38 -13.96
N GLU B 209 0.23 32.28 -15.09
CA GLU B 209 1.64 31.93 -15.12
C GLU B 209 2.54 33.16 -15.11
N SER B 210 2.03 34.31 -15.56
CA SER B 210 2.81 35.56 -15.58
C SER B 210 1.88 36.76 -15.69
N ASP B 211 2.46 37.94 -15.93
CA ASP B 211 1.68 39.17 -16.07
C ASP B 211 1.05 39.21 -17.47
N ASN B 212 1.37 38.20 -18.26
CA ASN B 212 0.83 38.09 -19.61
C ASN B 212 -0.30 37.07 -19.63
N PRO B 213 -1.55 37.54 -19.64
CA PRO B 213 -2.74 36.67 -19.66
C PRO B 213 -2.61 35.60 -20.74
N GLU B 214 -1.91 35.97 -21.81
CA GLU B 214 -1.66 35.07 -22.94
C GLU B 214 -1.14 33.75 -22.38
N ASP B 215 -0.46 33.83 -21.23
CA ASP B 215 0.10 32.63 -20.60
C ASP B 215 -0.74 32.08 -19.44
N ASP B 216 -2.06 32.15 -19.55
CA ASP B 216 -2.91 31.61 -18.48
C ASP B 216 -3.18 30.12 -18.67
N LYS B 217 -3.04 29.36 -17.59
CA LYS B 217 -3.28 27.91 -17.63
C LYS B 217 -4.42 27.52 -16.70
N VAL B 218 -5.13 26.46 -17.08
CA VAL B 218 -6.25 25.94 -16.33
C VAL B 218 -5.86 24.58 -15.76
N TYR B 219 -5.81 24.45 -14.45
CA TYR B 219 -5.43 23.18 -13.85
C TYR B 219 -6.63 22.35 -13.37
N PHE B 220 -6.66 21.09 -13.75
CA PHE B 220 -7.73 20.22 -13.29
C PHE B 220 -7.13 19.18 -12.33
N PHE B 221 -7.80 18.95 -11.21
CA PHE B 221 -7.33 17.93 -10.28
C PHE B 221 -8.29 16.76 -10.40
N PHE B 222 -7.77 15.54 -10.32
CA PHE B 222 -8.65 14.38 -10.44
C PHE B 222 -7.88 13.11 -10.14
N ARG B 223 -8.60 12.02 -9.91
CA ARG B 223 -7.98 10.72 -9.61
C ARG B 223 -8.40 9.76 -10.74
N GLU B 224 -7.63 8.71 -10.98
CA GLU B 224 -7.97 7.77 -12.05
C GLU B 224 -7.24 6.43 -11.87
N ASN B 225 -7.61 5.41 -12.65
CA ASN B 225 -6.95 4.11 -12.52
C ASN B 225 -5.59 4.15 -13.19
N ALA B 226 -4.56 3.77 -12.45
CA ALA B 226 -3.18 3.77 -12.96
C ALA B 226 -3.04 2.88 -14.19
N ILE B 227 -1.89 2.96 -14.83
CA ILE B 227 -1.58 2.13 -15.99
C ILE B 227 -0.06 1.99 -16.03
N ASP B 228 0.41 0.75 -16.16
CA ASP B 228 1.83 0.46 -16.23
C ASP B 228 2.08 -0.86 -16.93
N GLY B 229 1.44 -1.91 -16.47
CA GLY B 229 1.64 -3.22 -17.08
C GLY B 229 0.41 -4.11 -17.01
N GLU B 230 0.57 -5.33 -17.50
CA GLU B 230 -0.50 -6.32 -17.51
C GLU B 230 -0.37 -7.20 -16.26
N HIS B 231 0.40 -6.72 -15.28
CA HIS B 231 0.65 -7.40 -14.02
C HIS B 231 -0.44 -7.15 -12.98
N SER B 232 -0.54 -8.04 -11.99
CA SER B 232 -1.52 -7.93 -10.89
C SER B 232 -1.23 -6.67 -10.05
N GLY B 233 -1.73 -5.53 -10.50
CA GLY B 233 -1.49 -4.29 -9.78
C GLY B 233 -2.43 -3.10 -10.00
N LYS B 234 -3.74 -3.28 -9.88
CA LYS B 234 -4.64 -2.14 -10.06
C LYS B 234 -4.33 -1.09 -9.00
N ALA B 235 -4.44 0.19 -9.36
CA ALA B 235 -4.14 1.26 -8.42
C ALA B 235 -4.71 2.60 -8.85
N THR B 236 -4.79 3.52 -7.90
CA THR B 236 -5.29 4.86 -8.17
C THR B 236 -4.12 5.84 -8.28
N HIS B 237 -4.35 6.94 -8.98
CA HIS B 237 -3.34 7.97 -9.13
C HIS B 237 -4.03 9.31 -9.01
N ALA B 238 -3.72 10.06 -7.96
CA ALA B 238 -4.30 11.38 -7.88
C ALA B 238 -3.48 12.04 -8.95
N ARG B 239 -4.05 13.06 -9.57
CA ARG B 239 -3.34 13.75 -10.64
C ARG B 239 -3.78 15.20 -10.73
N ILE B 240 -2.98 15.93 -11.49
CA ILE B 240 -3.21 17.33 -11.81
C ILE B 240 -2.89 17.44 -13.31
N GLY B 241 -3.83 18.01 -14.06
CA GLY B 241 -3.65 18.16 -15.49
C GLY B 241 -3.70 19.63 -15.86
N GLN B 242 -2.75 20.05 -16.69
CA GLN B 242 -2.69 21.44 -17.14
C GLN B 242 -3.09 21.56 -18.59
N ILE B 243 -3.73 22.68 -18.88
CA ILE B 243 -4.19 22.99 -20.21
C ILE B 243 -4.20 24.51 -20.35
N CYS B 244 -3.77 24.98 -21.52
CA CYS B 244 -3.69 26.40 -21.84
C CYS B 244 -5.05 26.98 -22.15
N LYS B 245 -5.41 28.04 -21.43
CA LYS B 245 -6.70 28.70 -21.65
C LYS B 245 -6.83 29.13 -23.13
N ASN B 246 -5.71 29.55 -23.73
CA ASN B 246 -5.70 30.01 -25.12
C ASN B 246 -5.33 28.91 -26.12
N ASP B 247 -5.80 27.69 -25.84
CA ASP B 247 -5.56 26.53 -26.72
C ASP B 247 -6.80 26.39 -27.58
N PHE B 248 -6.64 26.24 -28.88
CA PHE B 248 -7.82 26.09 -29.71
C PHE B 248 -7.82 24.82 -30.56
N GLY B 249 -6.92 23.91 -30.22
CA GLY B 249 -6.86 22.64 -30.94
C GLY B 249 -5.82 22.58 -32.04
N GLY B 250 -5.74 21.43 -32.71
CA GLY B 250 -4.79 21.27 -33.79
C GLY B 250 -5.36 21.76 -35.11
N HIS B 251 -4.54 21.71 -36.17
CA HIS B 251 -4.96 22.16 -37.51
C HIS B 251 -5.27 20.98 -38.42
N ARG B 252 -4.32 20.07 -38.57
CA ARG B 252 -4.53 18.92 -39.42
C ARG B 252 -4.54 17.62 -38.63
N SER B 253 -4.80 17.71 -37.33
CA SER B 253 -4.82 16.53 -36.49
C SER B 253 -5.84 16.62 -35.36
N LEU B 254 -5.38 17.01 -34.18
CA LEU B 254 -6.26 17.13 -33.02
C LEU B 254 -7.32 18.23 -33.27
N VAL B 255 -8.12 18.05 -34.32
CA VAL B 255 -9.14 19.04 -34.64
C VAL B 255 -10.09 19.23 -33.47
N ASN B 256 -10.15 20.47 -32.97
CA ASN B 256 -11.01 20.81 -31.84
C ASN B 256 -10.69 20.03 -30.56
N LYS B 257 -9.46 19.53 -30.46
CA LYS B 257 -9.03 18.79 -29.28
C LYS B 257 -7.80 19.50 -28.67
N TRP B 258 -7.79 19.62 -27.33
CA TRP B 258 -6.68 20.25 -26.62
C TRP B 258 -5.35 19.82 -27.20
N THR B 259 -4.42 20.76 -27.24
CA THR B 259 -3.09 20.46 -27.75
C THR B 259 -2.07 20.63 -26.63
N THR B 260 -2.45 21.43 -25.64
CA THR B 260 -1.56 21.68 -24.53
C THR B 260 -1.92 20.89 -23.27
N PHE B 261 -2.52 19.71 -23.42
CA PHE B 261 -2.92 18.89 -22.26
C PHE B 261 -1.84 17.95 -21.73
N LEU B 262 -1.47 18.13 -20.46
CA LEU B 262 -0.48 17.28 -19.82
C LEU B 262 -0.91 16.98 -18.38
N LYS B 263 -0.51 15.81 -17.89
CA LYS B 263 -0.85 15.41 -16.52
C LYS B 263 0.32 14.82 -15.79
N ALA B 264 0.27 14.93 -14.48
CA ALA B 264 1.31 14.40 -13.62
C ALA B 264 0.67 13.79 -12.39
N ARG B 265 1.30 12.74 -11.85
CA ARG B 265 0.81 12.10 -10.64
C ARG B 265 1.08 13.07 -9.50
N LEU B 266 0.14 13.14 -8.56
CA LEU B 266 0.27 13.97 -7.36
C LEU B 266 0.48 12.90 -6.30
N ILE B 267 1.65 12.86 -5.68
CA ILE B 267 1.90 11.84 -4.68
C ILE B 267 1.72 12.35 -3.27
N CYS B 268 1.00 11.60 -2.45
CA CYS B 268 0.81 12.03 -1.08
C CYS B 268 1.12 10.84 -0.20
N SER B 269 2.40 10.63 0.10
CA SER B 269 2.78 9.48 0.91
C SER B 269 3.55 9.82 2.17
N VAL B 270 3.84 8.79 2.96
CA VAL B 270 4.59 8.98 4.20
C VAL B 270 5.76 8.01 4.17
N PRO B 271 6.99 8.55 4.06
CA PRO B 271 8.19 7.69 4.03
C PRO B 271 8.23 6.62 5.13
N GLY B 272 8.79 5.47 4.81
CA GLY B 272 8.89 4.36 5.76
C GLY B 272 10.30 3.94 6.12
N PRO B 273 10.44 2.94 7.02
CA PRO B 273 11.76 2.46 7.44
C PRO B 273 12.48 1.59 6.42
N ASN B 274 11.85 0.49 5.99
CA ASN B 274 12.46 -0.40 5.00
C ASN B 274 12.50 0.22 3.59
N GLY B 275 12.09 1.48 3.46
CA GLY B 275 12.12 2.11 2.14
C GLY B 275 10.83 2.04 1.34
N ILE B 276 9.80 1.41 1.92
CA ILE B 276 8.49 1.29 1.29
C ILE B 276 7.60 2.31 1.95
N ASP B 277 6.98 3.14 1.14
CA ASP B 277 6.13 4.22 1.60
C ASP B 277 4.66 3.84 1.71
N THR B 278 3.88 4.64 2.44
CA THR B 278 2.45 4.42 2.61
C THR B 278 1.79 5.52 1.80
N HIS B 279 0.95 5.17 0.83
CA HIS B 279 0.33 6.21 -0.02
C HIS B 279 -1.16 6.46 0.18
N PHE B 280 -1.55 7.72 -0.01
CA PHE B 280 -2.96 8.12 0.08
C PHE B 280 -3.34 8.58 -1.34
N ASP B 281 -3.63 7.65 -2.24
CA ASP B 281 -3.96 8.04 -3.60
C ASP B 281 -5.35 8.64 -3.86
N GLU B 282 -6.39 8.11 -3.25
CA GLU B 282 -7.75 8.60 -3.48
C GLU B 282 -7.98 10.10 -3.16
N LEU B 283 -7.76 10.96 -4.16
CA LEU B 283 -7.92 12.42 -4.01
C LEU B 283 -9.42 12.75 -3.89
N GLN B 284 -9.81 13.34 -2.76
CA GLN B 284 -11.22 13.68 -2.53
C GLN B 284 -11.62 15.12 -2.77
N ASP B 285 -10.78 16.04 -2.32
CA ASP B 285 -11.11 17.46 -2.50
C ASP B 285 -9.82 18.29 -2.57
N VAL B 286 -9.94 19.54 -3.02
CA VAL B 286 -8.78 20.41 -3.13
C VAL B 286 -9.16 21.86 -2.91
N PHE B 287 -8.35 22.58 -2.14
CA PHE B 287 -8.60 24.00 -1.88
C PHE B 287 -7.34 24.81 -2.16
N LEU B 288 -7.49 25.93 -2.85
CA LEU B 288 -6.36 26.81 -3.17
C LEU B 288 -6.28 27.98 -2.19
N MET B 289 -5.16 28.06 -1.48
CA MET B 289 -4.91 29.12 -0.51
C MET B 289 -4.29 30.28 -1.26
N ASN B 290 -5.13 31.17 -1.75
CA ASN B 290 -4.69 32.34 -2.51
C ASN B 290 -3.61 33.15 -1.80
N SER B 291 -2.39 33.12 -2.32
CA SER B 291 -1.29 33.89 -1.75
C SER B 291 -1.37 35.29 -2.33
N LYS B 292 -0.65 36.25 -1.77
CA LYS B 292 -0.71 37.61 -2.30
C LYS B 292 -0.29 37.57 -3.77
N ASP B 293 0.48 36.53 -4.12
CA ASP B 293 0.98 36.31 -5.48
C ASP B 293 0.07 35.31 -6.20
N PRO B 294 -0.91 35.82 -6.96
CA PRO B 294 -1.86 34.98 -7.71
C PRO B 294 -1.20 33.91 -8.59
N LYS B 295 0.08 34.06 -8.86
CA LYS B 295 0.77 33.08 -9.70
C LYS B 295 1.26 31.88 -8.88
N ASN B 296 1.14 31.97 -7.56
CA ASN B 296 1.59 30.87 -6.68
C ASN B 296 0.63 30.43 -5.57
N PRO B 297 -0.62 30.09 -5.93
CA PRO B 297 -1.56 29.66 -4.89
C PRO B 297 -1.12 28.31 -4.31
N ILE B 298 -1.12 28.20 -2.99
CA ILE B 298 -0.73 26.96 -2.31
C ILE B 298 -1.83 25.93 -2.47
N VAL B 299 -1.46 24.71 -2.87
CA VAL B 299 -2.45 23.67 -3.07
C VAL B 299 -2.56 22.66 -1.93
N TYR B 300 -3.69 22.68 -1.23
CA TYR B 300 -3.98 21.72 -0.16
C TYR B 300 -4.79 20.64 -0.85
N GLY B 301 -4.59 19.40 -0.42
CA GLY B 301 -5.31 18.27 -0.99
C GLY B 301 -5.73 17.30 0.11
N VAL B 302 -6.96 16.75 -0.01
CA VAL B 302 -7.49 15.78 0.95
C VAL B 302 -7.50 14.46 0.24
N PHE B 303 -6.64 13.56 0.72
CA PHE B 303 -6.50 12.23 0.14
C PHE B 303 -6.97 11.12 1.07
N THR B 304 -7.23 9.96 0.46
CA THR B 304 -7.70 8.82 1.18
C THR B 304 -6.99 7.52 0.74
N THR B 305 -7.03 6.51 1.60
CA THR B 305 -6.40 5.23 1.32
C THR B 305 -7.20 4.44 0.30
N SER B 306 -6.51 3.63 -0.50
CA SER B 306 -7.21 2.81 -1.49
C SER B 306 -7.75 1.54 -0.85
N SER B 307 -7.05 1.08 0.19
CA SER B 307 -7.42 -0.15 0.90
C SER B 307 -8.74 -0.07 1.64
N ASN B 308 -9.46 -1.18 1.57
CA ASN B 308 -10.75 -1.30 2.23
C ASN B 308 -10.61 -1.71 3.69
N ILE B 309 -9.45 -2.29 4.02
CA ILE B 309 -9.16 -2.76 5.37
C ILE B 309 -8.28 -1.79 6.14
N PHE B 310 -7.68 -0.83 5.44
CA PHE B 310 -6.83 0.15 6.11
C PHE B 310 -7.35 1.57 5.89
N LYS B 311 -8.60 1.83 6.29
CA LYS B 311 -9.15 3.17 6.11
C LYS B 311 -8.25 4.24 6.71
N GLY B 312 -8.02 5.31 5.96
CA GLY B 312 -7.17 6.41 6.43
C GLY B 312 -7.33 7.67 5.59
N SER B 313 -6.93 8.80 6.14
CA SER B 313 -7.03 10.07 5.44
C SER B 313 -5.73 10.87 5.57
N ALA B 314 -5.43 11.73 4.58
CA ALA B 314 -4.22 12.57 4.62
C ALA B 314 -4.50 13.93 4.00
N VAL B 315 -3.76 14.93 4.47
CA VAL B 315 -3.86 16.30 3.96
C VAL B 315 -2.47 16.71 3.50
N CYS B 316 -2.28 16.71 2.17
CA CYS B 316 -0.98 17.07 1.55
C CYS B 316 -0.99 18.48 0.99
N MET B 317 0.21 19.07 0.85
CA MET B 317 0.38 20.43 0.31
C MET B 317 1.36 20.44 -0.86
N TYR B 318 1.09 21.26 -1.88
CA TYR B 318 1.97 21.32 -3.05
C TYR B 318 2.18 22.76 -3.52
N SER B 319 3.37 23.06 -4.01
CA SER B 319 3.64 24.42 -4.51
C SER B 319 3.68 24.38 -6.03
N MET B 320 3.04 25.36 -6.67
CA MET B 320 3.02 25.38 -8.14
C MET B 320 4.43 25.25 -8.76
N SER B 321 5.45 25.84 -8.11
CA SER B 321 6.81 25.74 -8.61
C SER B 321 7.16 24.28 -8.85
N ASP B 322 6.58 23.40 -8.03
CA ASP B 322 6.81 21.96 -8.18
C ASP B 322 6.07 21.40 -9.39
N VAL B 323 4.78 21.71 -9.50
CA VAL B 323 4.01 21.19 -10.62
C VAL B 323 4.59 21.67 -11.93
N ARG B 324 5.00 22.93 -11.95
CA ARG B 324 5.61 23.52 -13.14
C ARG B 324 6.91 22.84 -13.50
N ARG B 325 7.68 22.46 -12.47
CA ARG B 325 8.95 21.79 -12.71
C ARG B 325 8.63 20.47 -13.38
N VAL B 326 7.66 19.75 -12.81
CA VAL B 326 7.27 18.44 -13.33
C VAL B 326 6.81 18.58 -14.78
N PHE B 327 5.93 19.55 -15.00
CA PHE B 327 5.42 19.77 -16.35
C PHE B 327 6.52 20.19 -17.34
N LEU B 328 7.64 20.68 -16.83
CA LEU B 328 8.76 21.02 -17.69
C LEU B 328 9.77 19.87 -17.68
N GLY B 329 9.43 18.78 -16.99
CA GLY B 329 10.31 17.63 -16.91
C GLY B 329 10.13 16.63 -18.04
N PRO B 330 10.68 15.43 -17.89
CA PRO B 330 10.57 14.37 -18.90
C PRO B 330 9.13 13.97 -19.16
N TYR B 331 8.84 13.63 -20.40
CA TYR B 331 7.50 13.19 -20.77
C TYR B 331 7.54 11.70 -20.56
N ALA B 332 6.44 11.15 -20.10
CA ALA B 332 6.38 9.70 -19.90
C ALA B 332 6.33 9.11 -21.31
N HIS B 333 7.27 8.22 -21.63
CA HIS B 333 7.30 7.57 -22.94
C HIS B 333 7.38 6.04 -22.88
N ARG B 334 6.60 5.40 -23.75
CA ARG B 334 6.56 3.95 -23.84
C ARG B 334 6.57 3.55 -25.31
N ASP B 335 7.51 2.68 -25.68
CA ASP B 335 7.62 2.22 -27.05
C ASP B 335 6.45 1.31 -27.43
N GLY B 336 6.37 0.13 -26.82
CA GLY B 336 5.28 -0.77 -27.16
C GLY B 336 4.31 -1.02 -26.01
N PRO B 337 3.26 -1.82 -26.25
CA PRO B 337 2.29 -2.10 -25.18
C PRO B 337 2.92 -2.85 -23.97
N ASN B 338 3.98 -3.62 -24.22
CA ASN B 338 4.66 -4.39 -23.17
C ASN B 338 6.04 -3.82 -22.87
N TYR B 339 6.08 -2.52 -22.66
CA TYR B 339 7.32 -1.80 -22.36
C TYR B 339 7.17 -1.01 -21.05
N GLN B 340 8.27 -0.93 -20.33
CA GLN B 340 8.31 -0.22 -19.06
C GLN B 340 8.28 1.27 -19.35
N TRP B 341 7.43 2.01 -18.64
CA TRP B 341 7.36 3.46 -18.82
C TRP B 341 8.76 3.98 -18.56
N VAL B 342 9.20 4.89 -19.42
CA VAL B 342 10.54 5.43 -19.26
C VAL B 342 10.51 6.92 -19.61
N PRO B 343 11.40 7.71 -19.00
CA PRO B 343 11.40 9.15 -19.30
C PRO B 343 11.94 9.42 -20.71
N TYR B 344 11.09 9.98 -21.57
CA TYR B 344 11.48 10.26 -22.97
C TYR B 344 12.78 11.05 -23.11
N GLN B 345 13.76 10.46 -23.80
CA GLN B 345 15.06 11.12 -23.99
C GLN B 345 15.54 11.24 -25.44
N GLY B 346 15.00 12.21 -26.16
CA GLY B 346 15.40 12.39 -27.54
C GLY B 346 14.47 13.27 -28.36
N ARG B 347 14.95 14.46 -28.70
CA ARG B 347 14.20 15.41 -29.52
C ARG B 347 12.76 15.67 -29.12
N VAL B 348 12.53 16.86 -28.58
CA VAL B 348 11.21 17.29 -28.17
C VAL B 348 10.77 18.41 -29.12
N PRO B 349 9.62 18.23 -29.78
CA PRO B 349 9.12 19.24 -30.71
C PRO B 349 9.21 20.66 -30.14
N TYR B 350 9.49 21.64 -31.01
CA TYR B 350 9.58 23.04 -30.60
C TYR B 350 8.45 23.81 -31.27
N PRO B 351 7.69 24.62 -30.51
CA PRO B 351 7.82 24.87 -29.07
C PRO B 351 7.54 23.60 -28.27
N ARG B 352 7.96 23.62 -27.00
CA ARG B 352 7.75 22.49 -26.13
C ARG B 352 6.25 22.25 -25.98
N PRO B 353 5.78 21.05 -26.34
CA PRO B 353 4.34 20.72 -26.25
C PRO B 353 3.88 20.84 -24.79
N GLY B 354 2.81 21.59 -24.59
CA GLY B 354 2.30 21.84 -23.25
C GLY B 354 2.39 23.34 -23.02
N THR B 355 3.33 23.97 -23.72
CA THR B 355 3.59 25.41 -23.66
C THR B 355 2.55 26.19 -24.47
N CYS B 356 1.98 27.26 -23.91
CA CYS B 356 0.97 28.05 -24.63
C CYS B 356 1.53 28.85 -25.78
N PRO B 357 0.74 29.04 -26.84
CA PRO B 357 1.19 29.80 -28.01
C PRO B 357 1.60 31.22 -27.59
N SER B 358 2.86 31.59 -27.89
CA SER B 358 3.39 32.91 -27.53
C SER B 358 3.73 33.74 -28.78
N LYS B 359 3.35 35.02 -28.74
CA LYS B 359 3.62 35.90 -29.87
C LYS B 359 4.97 36.59 -29.66
N THR B 360 5.88 35.90 -28.97
CA THR B 360 7.21 36.43 -28.68
C THR B 360 8.30 35.44 -29.06
N PHE B 361 8.04 34.17 -28.82
CA PHE B 361 9.00 33.11 -29.17
C PHE B 361 8.33 32.16 -30.15
N GLY B 362 9.04 31.81 -31.21
CA GLY B 362 8.46 30.92 -32.20
C GLY B 362 7.48 31.68 -33.08
N GLY B 363 6.89 32.74 -32.53
CA GLY B 363 5.95 33.56 -33.27
C GLY B 363 4.65 32.91 -33.69
N PHE B 364 4.59 31.59 -33.60
CA PHE B 364 3.39 30.85 -33.97
C PHE B 364 2.11 31.42 -33.32
N ASP B 365 1.25 32.01 -34.13
CA ASP B 365 -0.02 32.57 -33.64
C ASP B 365 -1.03 31.43 -33.59
N SER B 366 -1.74 31.31 -32.47
CA SER B 366 -2.73 30.25 -32.27
C SER B 366 -2.17 28.83 -32.37
N THR B 367 -2.73 27.94 -31.57
CA THR B 367 -2.31 26.56 -31.58
C THR B 367 -2.51 25.97 -32.96
N LYS B 368 -3.59 26.39 -33.62
CA LYS B 368 -3.94 25.89 -34.96
C LYS B 368 -2.86 26.09 -36.01
N ASP B 369 -1.82 26.84 -35.68
CA ASP B 369 -0.73 27.13 -36.59
C ASP B 369 0.58 26.52 -36.07
N LEU B 370 0.50 25.31 -35.51
CA LEU B 370 1.67 24.61 -34.98
C LEU B 370 2.10 23.50 -35.90
N PRO B 371 3.39 23.14 -35.89
CA PRO B 371 3.93 22.06 -36.74
C PRO B 371 3.17 20.77 -36.49
N ASP B 372 3.44 19.75 -37.30
CA ASP B 372 2.77 18.47 -37.15
C ASP B 372 3.45 17.64 -36.06
N ASP B 373 4.77 17.78 -35.94
CA ASP B 373 5.51 17.04 -34.93
C ASP B 373 5.13 17.52 -33.51
N VAL B 374 4.66 18.76 -33.40
CA VAL B 374 4.25 19.28 -32.10
C VAL B 374 2.78 18.91 -31.82
N ILE B 375 2.16 18.19 -32.74
CA ILE B 375 0.78 17.76 -32.56
C ILE B 375 0.77 16.25 -32.39
N THR B 376 1.72 15.58 -33.05
CA THR B 376 1.84 14.14 -32.96
C THR B 376 2.34 13.80 -31.56
N PHE B 377 3.26 14.63 -31.08
CA PHE B 377 3.79 14.52 -29.74
C PHE B 377 2.63 15.09 -28.93
N ALA B 378 2.61 14.91 -27.62
CA ALA B 378 1.51 15.46 -26.78
C ALA B 378 0.26 14.64 -27.02
N ARG B 379 0.05 14.29 -28.29
CA ARG B 379 -1.08 13.48 -28.68
C ARG B 379 -0.87 12.10 -28.08
N SER B 380 0.39 11.68 -28.01
CA SER B 380 0.76 10.37 -27.43
C SER B 380 1.68 10.56 -26.21
N HIS B 381 1.66 11.75 -25.63
CA HIS B 381 2.50 12.04 -24.47
C HIS B 381 1.79 12.97 -23.50
N PRO B 382 0.54 12.62 -23.12
CA PRO B 382 -0.25 13.42 -22.19
C PRO B 382 0.28 13.42 -20.75
N ALA B 383 1.06 12.40 -20.41
CA ALA B 383 1.57 12.26 -19.05
C ALA B 383 3.05 12.49 -18.78
N MET B 384 3.33 13.15 -17.68
CA MET B 384 4.71 13.39 -17.32
C MET B 384 5.26 12.13 -16.61
N TYR B 385 6.58 11.92 -16.72
CA TYR B 385 7.21 10.77 -16.06
C TYR B 385 7.24 11.11 -14.56
N ASN B 386 8.12 12.01 -14.16
CA ASN B 386 8.24 12.38 -12.75
C ASN B 386 6.93 12.86 -12.11
N PRO B 387 6.69 12.44 -10.87
CA PRO B 387 5.46 12.86 -10.20
C PRO B 387 5.78 14.07 -9.35
N VAL B 388 4.75 14.82 -8.97
CA VAL B 388 4.97 15.99 -8.13
C VAL B 388 4.75 15.59 -6.66
N PHE B 389 5.84 15.55 -5.89
CA PHE B 389 5.79 15.21 -4.47
C PHE B 389 5.27 16.38 -3.64
N PRO B 390 4.68 16.09 -2.47
CA PRO B 390 4.15 17.17 -1.61
C PRO B 390 5.30 17.96 -1.03
N ILE B 391 5.02 19.17 -0.55
CA ILE B 391 6.07 20.00 0.03
C ILE B 391 6.69 19.25 1.20
N ASN B 392 7.99 19.05 1.14
CA ASN B 392 8.75 18.36 2.18
C ASN B 392 8.64 16.85 2.12
N ASN B 393 7.98 16.38 1.07
CA ASN B 393 7.82 14.95 0.86
C ASN B 393 6.89 14.27 1.85
N ARG B 394 6.05 15.03 2.54
CA ARG B 394 5.15 14.39 3.50
C ARG B 394 3.90 15.21 3.76
N PRO B 395 2.79 14.54 4.16
CA PRO B 395 1.59 15.34 4.42
C PRO B 395 1.78 16.13 5.70
N ILE B 396 1.00 17.20 5.87
CA ILE B 396 1.11 18.00 7.08
C ILE B 396 0.13 17.52 8.14
N MET B 397 -0.61 16.47 7.80
CA MET B 397 -1.59 15.88 8.70
C MET B 397 -1.94 14.47 8.26
N ILE B 398 -2.22 13.61 9.24
CA ILE B 398 -2.57 12.22 8.98
C ILE B 398 -3.51 11.70 10.05
N LYS B 399 -4.54 10.97 9.63
CA LYS B 399 -5.46 10.39 10.60
C LYS B 399 -5.64 8.95 10.18
N THR B 400 -5.29 8.02 11.05
CA THR B 400 -5.43 6.61 10.71
C THR B 400 -6.40 5.85 11.60
N ASP B 401 -6.00 5.68 12.85
CA ASP B 401 -6.75 4.96 13.86
C ASP B 401 -8.24 5.32 13.98
N VAL B 402 -8.63 6.45 13.42
CA VAL B 402 -10.01 6.91 13.46
C VAL B 402 -10.94 6.07 12.60
N ASN B 403 -12.23 6.19 12.89
CA ASN B 403 -13.29 5.45 12.22
C ASN B 403 -14.03 6.18 11.09
N TYR B 404 -13.46 7.27 10.59
CA TYR B 404 -14.07 8.03 9.51
C TYR B 404 -13.01 8.47 8.49
N GLN B 405 -13.44 9.06 7.39
CA GLN B 405 -12.48 9.52 6.39
C GLN B 405 -12.79 10.94 5.97
N PHE B 406 -11.74 11.71 5.69
CA PHE B 406 -11.88 13.12 5.27
C PHE B 406 -12.61 13.17 3.92
N THR B 407 -13.36 14.25 3.66
CA THR B 407 -14.08 14.38 2.39
C THR B 407 -14.07 15.79 1.77
N GLN B 408 -13.70 16.80 2.55
CA GLN B 408 -13.65 18.15 2.04
C GLN B 408 -12.69 18.94 2.92
N ILE B 409 -12.22 20.10 2.43
CA ILE B 409 -11.29 20.96 3.16
C ILE B 409 -11.31 22.37 2.59
N VAL B 410 -11.08 23.32 3.48
CA VAL B 410 -11.04 24.74 3.12
C VAL B 410 -10.21 25.28 4.24
N VAL B 411 -9.50 26.37 4.00
CA VAL B 411 -8.68 26.93 5.06
C VAL B 411 -8.70 28.44 4.97
N ASP B 412 -8.55 29.10 6.12
CA ASP B 412 -8.52 30.55 6.18
C ASP B 412 -7.17 30.94 6.76
N ARG B 413 -6.58 32.03 6.26
CA ARG B 413 -5.29 32.48 6.78
C ARG B 413 -5.60 33.51 7.85
N VAL B 414 -5.50 33.07 9.10
CA VAL B 414 -5.79 33.94 10.22
C VAL B 414 -4.50 34.56 10.75
N ASP B 415 -4.47 35.88 10.81
CA ASP B 415 -3.28 36.58 11.31
C ASP B 415 -3.37 36.68 12.84
N ALA B 416 -2.38 36.14 13.54
CA ALA B 416 -2.35 36.18 15.00
C ALA B 416 -1.32 37.20 15.48
N GLU B 417 -1.58 37.81 16.64
CA GLU B 417 -0.66 38.80 17.18
C GLU B 417 0.61 38.11 17.70
N ASP B 418 1.14 37.24 16.86
CA ASP B 418 2.34 36.47 17.15
C ASP B 418 2.57 35.51 15.98
N GLY B 419 2.37 36.02 14.76
CA GLY B 419 2.55 35.20 13.59
C GLY B 419 1.20 34.80 13.00
N GLN B 420 1.23 34.22 11.80
CA GLN B 420 0.02 33.80 11.12
C GLN B 420 0.03 32.29 10.90
N TYR B 421 -1.12 31.66 11.16
CA TYR B 421 -1.23 30.21 11.01
C TYR B 421 -2.34 29.80 10.06
N ASP B 422 -2.09 28.76 9.28
CA ASP B 422 -3.08 28.28 8.33
C ASP B 422 -4.04 27.33 9.05
N VAL B 423 -5.25 27.80 9.31
CA VAL B 423 -6.26 26.98 9.98
C VAL B 423 -7.10 26.24 8.96
N MET B 424 -7.04 24.90 9.04
CA MET B 424 -7.77 24.00 8.16
C MET B 424 -9.11 23.58 8.78
N PHE B 425 -10.14 23.52 7.95
CA PHE B 425 -11.48 23.09 8.36
C PHE B 425 -11.80 21.88 7.52
N ILE B 426 -11.50 20.69 8.05
CA ILE B 426 -11.72 19.44 7.34
C ILE B 426 -13.10 18.81 7.52
N GLY B 427 -13.80 18.59 6.41
CA GLY B 427 -15.11 17.95 6.47
C GLY B 427 -14.99 16.43 6.46
N THR B 428 -15.85 15.75 7.20
CA THR B 428 -15.80 14.28 7.31
C THR B 428 -17.01 13.60 6.65
N ASP B 429 -16.85 12.31 6.32
CA ASP B 429 -17.94 11.56 5.70
C ASP B 429 -18.97 11.19 6.74
N VAL B 430 -18.74 11.65 7.97
CA VAL B 430 -19.66 11.37 9.07
C VAL B 430 -20.54 12.55 9.43
N GLY B 431 -20.20 13.74 8.92
CA GLY B 431 -21.02 14.91 9.22
C GLY B 431 -20.39 15.79 10.26
N THR B 432 -19.12 15.55 10.54
CA THR B 432 -18.42 16.33 11.55
C THR B 432 -17.37 17.22 10.89
N VAL B 433 -17.01 18.32 11.55
CA VAL B 433 -16.01 19.24 11.03
C VAL B 433 -14.88 19.35 12.07
N LEU B 434 -13.64 19.36 11.59
CA LEU B 434 -12.48 19.45 12.48
C LEU B 434 -11.73 20.72 12.13
N LYS B 435 -11.25 21.42 13.15
CA LYS B 435 -10.47 22.63 12.93
C LYS B 435 -9.07 22.31 13.44
N VAL B 436 -8.09 22.24 12.55
CA VAL B 436 -6.72 21.90 12.93
C VAL B 436 -5.65 22.91 12.50
N VAL B 437 -4.58 22.99 13.27
CA VAL B 437 -3.47 23.89 12.96
C VAL B 437 -2.20 23.05 12.98
N SER B 438 -1.32 23.31 12.02
CA SER B 438 -0.06 22.58 11.89
C SER B 438 1.14 23.46 12.23
N VAL B 439 1.17 23.98 13.45
CA VAL B 439 2.28 24.85 13.87
C VAL B 439 3.59 24.08 13.86
N PRO B 440 4.65 24.68 13.28
CA PRO B 440 5.97 24.02 13.22
C PRO B 440 6.62 23.90 14.61
N LYS B 441 6.54 22.73 15.22
CA LYS B 441 7.13 22.52 16.55
C LYS B 441 8.65 22.68 16.58
N GLU B 442 9.10 23.90 16.89
CA GLU B 442 10.53 24.23 16.98
C GLU B 442 11.23 24.28 15.63
N THR B 443 10.79 23.45 14.70
CA THR B 443 11.40 23.40 13.37
C THR B 443 10.58 22.64 12.34
N TRP B 444 10.58 23.17 11.12
CA TRP B 444 9.88 22.55 10.00
C TRP B 444 10.50 21.15 9.87
N HIS B 445 9.65 20.13 9.86
CA HIS B 445 10.05 18.71 9.77
C HIS B 445 9.41 17.96 10.92
N ASP B 446 9.66 18.46 12.13
CA ASP B 446 9.09 17.88 13.32
C ASP B 446 8.01 18.88 13.73
N LEU B 447 6.83 18.77 13.13
CA LEU B 447 5.74 19.69 13.45
C LEU B 447 4.64 19.06 14.30
N GLU B 448 4.00 19.89 15.11
CA GLU B 448 2.93 19.48 16.04
C GLU B 448 1.54 19.61 15.40
N GLU B 449 0.72 18.58 15.52
CA GLU B 449 -0.64 18.61 14.98
C GLU B 449 -1.62 18.93 16.11
N VAL B 450 -2.36 20.02 15.96
CA VAL B 450 -3.29 20.43 17.01
C VAL B 450 -4.76 20.45 16.56
N LEU B 451 -5.54 19.52 17.09
CA LEU B 451 -6.96 19.42 16.78
C LEU B 451 -7.74 20.33 17.71
N LEU B 452 -8.10 21.53 17.24
CA LEU B 452 -8.83 22.48 18.05
C LEU B 452 -10.29 22.10 18.31
N GLU B 453 -11.08 21.95 17.26
CA GLU B 453 -12.50 21.61 17.43
C GLU B 453 -12.98 20.40 16.62
N GLU B 454 -14.02 19.75 17.14
CA GLU B 454 -14.62 18.59 16.47
C GLU B 454 -16.12 18.75 16.70
N MET B 455 -16.75 19.50 15.80
CA MET B 455 -18.15 19.82 15.89
C MET B 455 -19.00 19.08 14.87
N THR B 456 -20.06 18.44 15.34
CA THR B 456 -20.97 17.72 14.46
C THR B 456 -21.92 18.83 14.00
N VAL B 457 -22.34 18.81 12.74
CA VAL B 457 -23.21 19.87 12.28
C VAL B 457 -24.44 19.36 11.56
N PHE B 458 -24.84 18.15 11.88
CA PHE B 458 -26.04 17.56 11.28
C PHE B 458 -26.67 16.62 12.30
N ARG B 459 -27.95 16.84 12.56
CA ARG B 459 -28.70 16.02 13.53
C ARG B 459 -28.31 14.55 13.37
N GLU B 460 -28.30 14.06 12.14
CA GLU B 460 -27.93 12.67 11.86
C GLU B 460 -26.59 12.64 11.12
N PRO B 461 -25.84 11.55 11.27
CA PRO B 461 -24.55 11.47 10.58
C PRO B 461 -24.72 11.26 9.07
N THR B 462 -24.06 12.11 8.29
CA THR B 462 -24.08 12.01 6.82
C THR B 462 -22.73 12.49 6.27
N THR B 463 -22.44 12.10 5.04
CA THR B 463 -21.20 12.48 4.34
C THR B 463 -21.23 13.94 3.93
N ILE B 464 -20.24 14.71 4.39
CA ILE B 464 -20.13 16.13 4.04
C ILE B 464 -19.66 16.22 2.59
N SER B 465 -20.45 16.91 1.76
CA SER B 465 -20.16 17.02 0.33
C SER B 465 -19.65 18.38 -0.18
N ALA B 466 -19.84 19.44 0.59
CA ALA B 466 -19.42 20.77 0.16
C ALA B 466 -19.12 21.70 1.30
N MET B 467 -18.09 22.52 1.14
CA MET B 467 -17.70 23.48 2.16
C MET B 467 -17.28 24.78 1.52
N GLU B 468 -17.84 25.89 2.00
CA GLU B 468 -17.49 27.20 1.49
C GLU B 468 -17.18 28.18 2.62
N LEU B 469 -15.99 28.77 2.55
CA LEU B 469 -15.50 29.73 3.54
C LEU B 469 -15.76 31.16 3.11
N SER B 470 -16.28 31.97 4.03
CA SER B 470 -16.56 33.37 3.73
C SER B 470 -15.76 34.31 4.62
N THR B 471 -14.85 35.07 4.01
CA THR B 471 -14.03 36.03 4.72
C THR B 471 -14.62 37.43 4.54
N LYS B 472 -15.85 37.57 5.01
CA LYS B 472 -16.58 38.82 4.91
C LYS B 472 -17.83 38.61 5.75
N GLN B 473 -18.01 37.37 6.18
CA GLN B 473 -19.13 36.96 7.02
C GLN B 473 -18.52 36.14 8.13
N GLN B 474 -17.34 35.58 7.86
CA GLN B 474 -16.63 34.73 8.81
C GLN B 474 -17.45 33.49 9.16
N GLN B 475 -18.24 33.02 8.18
CA GLN B 475 -19.10 31.84 8.33
C GLN B 475 -18.73 30.71 7.37
N LEU B 476 -18.77 29.47 7.87
CA LEU B 476 -18.47 28.28 7.07
C LEU B 476 -19.79 27.61 6.67
N TYR B 477 -19.87 27.11 5.44
CA TYR B 477 -21.11 26.48 5.01
C TYR B 477 -20.90 25.06 4.53
N ILE B 478 -21.47 24.10 5.26
CA ILE B 478 -21.34 22.69 4.90
C ILE B 478 -22.54 22.24 4.09
N GLY B 479 -22.35 21.23 3.24
CA GLY B 479 -23.43 20.73 2.40
C GLY B 479 -23.49 19.21 2.35
N SER B 480 -24.69 18.67 2.14
CA SER B 480 -24.92 17.21 2.09
C SER B 480 -26.30 16.96 1.50
N THR B 481 -26.66 15.69 1.31
CA THR B 481 -28.00 15.40 0.80
C THR B 481 -29.02 15.76 1.88
N ALA B 482 -28.59 15.70 3.14
CA ALA B 482 -29.47 16.02 4.27
C ALA B 482 -29.80 17.52 4.33
N GLY B 483 -29.03 18.33 3.60
CA GLY B 483 -29.30 19.75 3.63
C GLY B 483 -28.04 20.55 3.86
N VAL B 484 -28.19 21.87 3.96
CA VAL B 484 -27.06 22.76 4.18
C VAL B 484 -26.93 23.17 5.64
N ALA B 485 -25.71 23.51 6.06
CA ALA B 485 -25.46 23.91 7.44
C ALA B 485 -24.49 25.10 7.51
N GLN B 486 -24.77 26.02 8.42
CA GLN B 486 -23.96 27.22 8.61
C GLN B 486 -23.44 27.29 10.04
N LEU B 487 -22.20 27.74 10.18
CA LEU B 487 -21.60 27.85 11.50
C LEU B 487 -20.52 28.92 11.53
N PRO B 488 -20.24 29.49 12.71
CA PRO B 488 -19.22 30.53 12.83
C PRO B 488 -17.81 29.94 12.80
N LEU B 489 -16.85 30.71 12.30
CA LEU B 489 -15.46 30.25 12.23
C LEU B 489 -14.89 30.03 13.61
N HIS B 490 -15.03 31.04 14.47
CA HIS B 490 -14.53 30.94 15.83
C HIS B 490 -15.64 30.67 16.84
N ARG B 491 -15.24 30.61 18.10
CA ARG B 491 -16.15 30.37 19.22
C ARG B 491 -15.25 30.49 20.45
N CYS B 492 -14.27 31.39 20.33
CA CYS B 492 -13.26 31.67 21.35
C CYS B 492 -13.77 31.82 22.79
N ASP B 493 -15.04 32.17 22.95
CA ASP B 493 -15.61 32.33 24.28
C ASP B 493 -16.42 31.11 24.67
N ILE B 494 -15.77 29.95 24.59
CA ILE B 494 -16.37 28.66 24.93
C ILE B 494 -15.26 27.68 25.30
N TYR B 495 -14.02 27.97 24.88
CA TYR B 495 -12.89 27.10 25.19
C TYR B 495 -12.79 26.93 26.71
#